data_2WH9
#
_entry.id   2WH9
#
_cell.length_a   1.000
_cell.length_b   1.000
_cell.length_c   1.000
_cell.angle_alpha   90.00
_cell.angle_beta   90.00
_cell.angle_gamma   90.00
#
_symmetry.space_group_name_H-M   'P 1'
#
_entity_poly.entity_id   1
_entity_poly.type   'polypeptide(L)'
_entity_poly.pdbx_seq_one_letter_code
;EGECGGFWWKCGSGKPACCPKYVCSPKWGLCNFPMP
;
_entity_poly.pdbx_strand_id   A
#
# COMPACT_ATOMS: atom_id res chain seq x y z
N GLU A 1 -13.67 8.71 2.57
CA GLU A 1 -12.92 8.92 3.83
C GLU A 1 -11.78 7.91 3.96
N GLY A 2 -12.13 6.63 4.06
CA GLY A 2 -11.13 5.59 4.19
C GLY A 2 -10.21 5.52 2.98
N GLU A 3 -8.97 5.91 3.17
CA GLU A 3 -7.99 5.89 2.08
C GLU A 3 -6.85 4.92 2.39
N CYS A 4 -7.17 3.86 3.13
CA CYS A 4 -6.17 2.85 3.49
C CYS A 4 -5.63 2.17 2.25
N GLY A 5 -4.46 1.54 2.41
CA GLY A 5 -3.86 0.83 1.29
C GLY A 5 -4.41 -0.56 1.12
N GLY A 6 -5.14 -0.77 0.02
CA GLY A 6 -5.73 -2.08 -0.24
C GLY A 6 -4.80 -2.99 -1.03
N PHE A 7 -5.37 -3.68 -2.01
CA PHE A 7 -4.59 -4.59 -2.84
C PHE A 7 -3.68 -3.85 -3.81
N TRP A 8 -4.04 -2.60 -4.10
CA TRP A 8 -3.25 -1.78 -5.02
C TRP A 8 -3.52 -0.29 -4.79
N TRP A 9 -2.88 0.27 -3.76
CA TRP A 9 -3.06 1.68 -3.43
C TRP A 9 -1.75 2.45 -3.66
N LYS A 10 -1.80 3.44 -4.55
CA LYS A 10 -0.63 4.25 -4.87
C LYS A 10 0.00 4.81 -3.60
N CYS A 11 1.26 4.45 -3.37
CA CYS A 11 1.99 4.92 -2.19
C CYS A 11 3.36 5.47 -2.58
N GLY A 12 3.94 6.26 -1.68
CA GLY A 12 5.25 6.84 -1.96
C GLY A 12 5.46 8.17 -1.25
N SER A 13 6.11 9.10 -1.92
CA SER A 13 6.37 10.42 -1.35
C SER A 13 5.14 11.31 -1.47
N GLY A 14 4.30 11.29 -0.43
CA GLY A 14 3.10 12.10 -0.43
C GLY A 14 1.84 11.25 -0.42
N LYS A 15 1.92 10.10 0.22
CA LYS A 15 0.78 9.19 0.31
C LYS A 15 0.65 8.61 1.71
N PRO A 16 -0.48 7.94 2.00
CA PRO A 16 -0.74 7.34 3.31
C PRO A 16 -0.13 5.96 3.43
N ALA A 17 -0.22 5.38 4.63
CA ALA A 17 0.33 4.05 4.87
C ALA A 17 -0.70 2.97 4.51
N CYS A 18 -0.20 1.79 4.16
CA CYS A 18 -1.08 0.68 3.79
C CYS A 18 -1.65 0.01 5.03
N CYS A 19 -2.76 -0.72 4.86
CA CYS A 19 -3.39 -1.42 5.96
C CYS A 19 -2.45 -2.43 6.59
N PRO A 20 -2.76 -2.90 7.82
CA PRO A 20 -1.93 -3.88 8.52
C PRO A 20 -1.68 -5.14 7.70
N LYS A 21 -2.54 -5.38 6.72
CA LYS A 21 -2.42 -6.57 5.87
C LYS A 21 -1.70 -6.23 4.56
N TYR A 22 -1.90 -5.02 4.08
CA TYR A 22 -1.27 -4.58 2.83
C TYR A 22 0.00 -3.77 3.12
N VAL A 23 0.90 -3.74 2.15
CA VAL A 23 2.16 -3.01 2.29
C VAL A 23 2.58 -2.39 0.97
N CYS A 24 3.41 -1.34 1.06
CA CYS A 24 3.90 -0.65 -0.13
C CYS A 24 5.09 -1.39 -0.73
N SER A 25 4.92 -1.89 -1.94
CA SER A 25 5.99 -2.61 -2.63
C SER A 25 7.21 -1.73 -2.83
N PRO A 26 8.41 -2.30 -2.69
CA PRO A 26 9.67 -1.56 -2.85
C PRO A 26 9.93 -1.18 -4.30
N LYS A 27 9.57 -2.07 -5.22
CA LYS A 27 9.76 -1.83 -6.64
C LYS A 27 8.66 -0.94 -7.20
N TRP A 28 7.42 -1.23 -6.82
CA TRP A 28 6.27 -0.46 -7.27
C TRP A 28 5.64 0.29 -6.11
N GLY A 29 5.30 1.56 -6.34
CA GLY A 29 4.69 2.37 -5.31
C GLY A 29 3.20 2.09 -5.15
N LEU A 30 2.86 0.88 -4.72
CA LEU A 30 1.47 0.50 -4.53
C LEU A 30 1.31 -0.40 -3.31
N CYS A 31 0.19 -0.26 -2.62
CA CYS A 31 -0.09 -1.06 -1.44
C CYS A 31 -0.74 -2.38 -1.82
N ASN A 32 -0.07 -3.49 -1.53
CA ASN A 32 -0.58 -4.81 -1.85
C ASN A 32 -0.11 -5.84 -0.83
N PHE A 33 -0.58 -7.07 -0.97
CA PHE A 33 -0.20 -8.15 -0.07
C PHE A 33 1.31 -8.37 -0.08
N PRO A 34 1.87 -8.96 0.99
CA PRO A 34 3.30 -9.22 1.09
C PRO A 34 3.77 -10.29 0.10
N MET A 35 2.87 -11.23 -0.20
CA MET A 35 3.19 -12.31 -1.13
C MET A 35 1.99 -13.22 -1.34
N PRO A 36 1.81 -13.76 -2.56
CA PRO A 36 0.69 -14.65 -2.87
C PRO A 36 0.62 -15.85 -1.92
N GLU A 1 -14.38 2.04 1.32
CA GLU A 1 -13.33 2.03 2.37
C GLU A 1 -11.93 2.00 1.74
N GLY A 2 -11.06 2.88 2.21
CA GLY A 2 -9.70 2.93 1.67
C GLY A 2 -8.85 3.97 2.38
N GLU A 3 -9.01 4.09 3.68
CA GLU A 3 -8.25 5.06 4.47
C GLU A 3 -6.75 4.76 4.39
N CYS A 4 -6.39 3.49 4.59
CA CYS A 4 -4.99 3.08 4.54
C CYS A 4 -4.70 2.34 3.24
N GLY A 5 -3.52 1.72 3.18
CA GLY A 5 -3.14 0.97 1.99
C GLY A 5 -3.91 -0.31 1.84
N GLY A 6 -4.83 -0.35 0.89
CA GLY A 6 -5.64 -1.55 0.67
C GLY A 6 -4.96 -2.52 -0.27
N PHE A 7 -5.75 -3.17 -1.12
CA PHE A 7 -5.22 -4.14 -2.07
C PHE A 7 -4.40 -3.46 -3.16
N TRP A 8 -4.67 -2.18 -3.38
CA TRP A 8 -3.95 -1.41 -4.40
C TRP A 8 -4.03 0.08 -4.13
N TRP A 9 -3.21 0.54 -3.18
CA TRP A 9 -3.19 1.96 -2.81
C TRP A 9 -1.87 2.60 -3.23
N LYS A 10 -1.95 3.56 -4.15
CA LYS A 10 -0.77 4.27 -4.63
C LYS A 10 0.07 4.81 -3.48
N CYS A 11 1.24 4.21 -3.27
CA CYS A 11 2.13 4.63 -2.19
C CYS A 11 3.45 5.15 -2.75
N GLY A 12 3.99 6.20 -2.13
CA GLY A 12 5.24 6.76 -2.58
C GLY A 12 5.65 7.99 -1.79
N SER A 13 6.30 8.93 -2.44
CA SER A 13 6.75 10.16 -1.79
C SER A 13 5.60 11.15 -1.66
N GLY A 14 5.18 11.42 -0.43
CA GLY A 14 4.10 12.34 -0.19
C GLY A 14 2.78 11.63 0.05
N LYS A 15 2.83 10.55 0.80
CA LYS A 15 1.63 9.77 1.10
C LYS A 15 1.80 8.97 2.39
N PRO A 16 0.75 8.27 2.84
CA PRO A 16 0.78 7.47 4.05
C PRO A 16 1.32 6.08 3.81
N ALA A 17 1.20 5.21 4.81
CA ALA A 17 1.68 3.84 4.71
C ALA A 17 0.53 2.86 4.59
N CYS A 18 0.84 1.62 4.24
CA CYS A 18 -0.18 0.58 4.09
C CYS A 18 -0.49 -0.06 5.43
N CYS A 19 -1.72 -0.54 5.59
CA CYS A 19 -2.13 -1.18 6.83
C CYS A 19 -1.27 -2.40 7.13
N PRO A 20 -1.42 -2.99 8.32
CA PRO A 20 -0.65 -4.17 8.73
C PRO A 20 -0.85 -5.36 7.80
N LYS A 21 -2.00 -5.38 7.12
CA LYS A 21 -2.32 -6.47 6.20
C LYS A 21 -1.67 -6.26 4.84
N TYR A 22 -1.65 -5.01 4.38
CA TYR A 22 -1.06 -4.69 3.09
C TYR A 22 0.31 -4.05 3.25
N VAL A 23 0.98 -3.81 2.13
CA VAL A 23 2.32 -3.20 2.14
C VAL A 23 2.65 -2.61 0.78
N CYS A 24 3.57 -1.64 0.77
CA CYS A 24 3.97 -0.99 -0.47
C CYS A 24 4.97 -1.85 -1.23
N SER A 25 4.59 -2.26 -2.43
CA SER A 25 5.44 -3.09 -3.28
C SER A 25 6.75 -2.37 -3.61
N PRO A 26 7.87 -3.12 -3.63
CA PRO A 26 9.18 -2.53 -3.93
C PRO A 26 9.28 -2.06 -5.38
N LYS A 27 8.69 -2.81 -6.29
CA LYS A 27 8.71 -2.46 -7.70
C LYS A 27 7.68 -1.38 -8.02
N TRP A 28 6.41 -1.70 -7.76
CA TRP A 28 5.32 -0.77 -8.01
C TRP A 28 4.95 -0.01 -6.73
N GLY A 29 4.55 1.25 -6.88
CA GLY A 29 4.17 2.05 -5.74
C GLY A 29 2.71 1.89 -5.38
N LEU A 30 2.33 0.69 -4.96
CA LEU A 30 0.95 0.41 -4.58
C LEU A 30 0.89 -0.52 -3.37
N CYS A 31 -0.09 -0.28 -2.49
CA CYS A 31 -0.26 -1.09 -1.30
C CYS A 31 -1.07 -2.34 -1.61
N ASN A 32 -0.49 -3.50 -1.29
CA ASN A 32 -1.16 -4.78 -1.54
C ASN A 32 -0.73 -5.82 -0.52
N PHE A 33 -1.23 -7.05 -0.68
CA PHE A 33 -0.89 -8.14 0.23
C PHE A 33 0.58 -8.52 0.09
N PRO A 34 1.15 -9.17 1.10
CA PRO A 34 2.55 -9.60 1.09
C PRO A 34 2.90 -10.40 -0.15
N MET A 35 3.65 -9.78 -1.06
CA MET A 35 4.06 -10.43 -2.30
C MET A 35 2.84 -10.85 -3.13
N PRO A 36 2.34 -9.95 -3.99
CA PRO A 36 1.17 -10.23 -4.84
C PRO A 36 1.34 -11.52 -5.64
N GLU A 1 -12.44 3.85 2.33
CA GLU A 1 -13.15 4.19 3.59
C GLU A 1 -12.26 5.04 4.50
N GLY A 2 -10.95 4.93 4.33
CA GLY A 2 -10.03 5.70 5.15
C GLY A 2 -8.81 6.15 4.37
N GLU A 3 -7.69 6.32 5.07
CA GLU A 3 -6.45 6.76 4.44
C GLU A 3 -5.39 5.66 4.50
N CYS A 4 -5.85 4.41 4.48
CA CYS A 4 -4.94 3.27 4.53
C CYS A 4 -4.86 2.57 3.17
N GLY A 5 -3.91 1.66 3.03
CA GLY A 5 -3.75 0.94 1.79
C GLY A 5 -4.62 -0.29 1.71
N GLY A 6 -4.53 -1.01 0.60
CA GLY A 6 -5.32 -2.22 0.42
C GLY A 6 -4.74 -3.13 -0.63
N PHE A 7 -5.58 -3.58 -1.57
CA PHE A 7 -5.15 -4.48 -2.62
C PHE A 7 -4.31 -3.72 -3.65
N TRP A 8 -4.60 -2.44 -3.83
CA TRP A 8 -3.86 -1.61 -4.77
C TRP A 8 -4.03 -0.13 -4.46
N TRP A 9 -3.38 0.33 -3.40
CA TRP A 9 -3.46 1.72 -2.98
C TRP A 9 -2.11 2.42 -3.16
N LYS A 10 -2.10 3.50 -3.93
CA LYS A 10 -0.88 4.26 -4.19
C LYS A 10 -0.20 4.64 -2.88
N CYS A 11 1.11 4.38 -2.80
CA CYS A 11 1.88 4.70 -1.60
C CYS A 11 3.24 5.26 -1.99
N GLY A 12 3.72 6.24 -1.21
CA GLY A 12 5.00 6.84 -1.49
C GLY A 12 5.28 8.06 -0.61
N SER A 13 6.11 8.96 -1.11
CA SER A 13 6.45 10.17 -0.37
C SER A 13 5.34 11.22 -0.50
N GLY A 14 4.41 11.22 0.45
CA GLY A 14 3.32 12.18 0.43
C GLY A 14 2.00 11.51 0.13
N LYS A 15 1.87 10.25 0.51
CA LYS A 15 0.65 9.48 0.28
C LYS A 15 0.34 8.58 1.47
N PRO A 16 -0.89 8.06 1.54
CA PRO A 16 -1.31 7.16 2.63
C PRO A 16 -0.52 5.86 2.64
N ALA A 17 -0.22 5.37 3.83
CA ALA A 17 0.53 4.13 3.98
C ALA A 17 -0.38 2.92 3.94
N CYS A 18 0.20 1.73 3.79
CA CYS A 18 -0.57 0.50 3.74
C CYS A 18 -0.83 -0.03 5.15
N CYS A 19 -1.96 -0.71 5.32
CA CYS A 19 -2.32 -1.28 6.62
C CYS A 19 -1.43 -2.47 6.96
N PRO A 20 -1.50 -2.96 8.21
CA PRO A 20 -0.70 -4.10 8.67
C PRO A 20 -0.91 -5.34 7.79
N LYS A 21 -2.06 -5.42 7.14
CA LYS A 21 -2.38 -6.55 6.29
C LYS A 21 -1.75 -6.40 4.91
N TYR A 22 -1.48 -5.15 4.50
CA TYR A 22 -0.87 -4.89 3.20
C TYR A 22 0.48 -4.20 3.36
N VAL A 23 1.14 -3.95 2.24
CA VAL A 23 2.45 -3.29 2.26
C VAL A 23 2.72 -2.60 0.92
N CYS A 24 3.61 -1.61 0.96
CA CYS A 24 3.98 -0.87 -0.25
C CYS A 24 5.01 -1.62 -1.06
N SER A 25 4.65 -1.95 -2.30
CA SER A 25 5.55 -2.68 -3.19
C SER A 25 6.88 -1.94 -3.37
N PRO A 26 7.99 -2.68 -3.44
CA PRO A 26 9.32 -2.10 -3.61
C PRO A 26 9.56 -1.60 -5.03
N LYS A 27 9.11 -2.37 -6.00
CA LYS A 27 9.28 -2.01 -7.41
C LYS A 27 8.23 -0.98 -7.83
N TRP A 28 7.00 -1.16 -7.34
CA TRP A 28 5.91 -0.26 -7.68
C TRP A 28 5.57 0.63 -6.49
N GLY A 29 4.57 1.49 -6.66
CA GLY A 29 4.15 2.38 -5.60
C GLY A 29 2.71 2.18 -5.20
N LEU A 30 2.33 0.93 -4.95
CA LEU A 30 0.96 0.60 -4.56
C LEU A 30 0.96 -0.38 -3.39
N CYS A 31 -0.16 -0.40 -2.66
CA CYS A 31 -0.30 -1.29 -1.51
C CYS A 31 -1.07 -2.54 -1.90
N ASN A 32 -0.53 -3.71 -1.54
CA ASN A 32 -1.17 -4.97 -1.84
C ASN A 32 -0.84 -6.02 -0.79
N PHE A 33 -1.42 -7.21 -0.93
CA PHE A 33 -1.18 -8.29 0.01
C PHE A 33 0.30 -8.68 0.05
N PRO A 34 0.75 -9.30 1.15
CA PRO A 34 2.14 -9.72 1.30
C PRO A 34 2.50 -10.89 0.38
N MET A 35 3.63 -10.78 -0.30
CA MET A 35 4.08 -11.83 -1.22
C MET A 35 3.07 -12.04 -2.34
N PRO A 36 3.11 -11.19 -3.38
CA PRO A 36 2.19 -11.30 -4.52
C PRO A 36 2.48 -12.51 -5.38
N GLU A 1 -6.68 11.57 3.44
CA GLU A 1 -7.99 11.23 4.07
C GLU A 1 -8.64 10.04 3.36
N GLY A 2 -8.97 9.02 4.14
CA GLY A 2 -9.60 7.84 3.56
C GLY A 2 -9.35 6.59 4.38
N GLU A 3 -9.13 5.47 3.70
CA GLU A 3 -8.86 4.20 4.36
C GLU A 3 -7.41 3.78 4.18
N CYS A 4 -6.98 2.78 4.94
CA CYS A 4 -5.62 2.28 4.86
C CYS A 4 -5.31 1.75 3.46
N GLY A 5 -4.14 1.14 3.30
CA GLY A 5 -3.76 0.60 2.02
C GLY A 5 -4.46 -0.70 1.69
N GLY A 6 -5.33 -0.67 0.69
CA GLY A 6 -6.05 -1.86 0.30
C GLY A 6 -5.29 -2.71 -0.69
N PHE A 7 -6.01 -3.28 -1.65
CA PHE A 7 -5.40 -4.14 -2.68
C PHE A 7 -4.51 -3.32 -3.60
N TRP A 8 -4.80 -2.02 -3.72
CA TRP A 8 -4.03 -1.14 -4.59
C TRP A 8 -4.16 0.32 -4.15
N TRP A 9 -3.42 0.69 -3.10
CA TRP A 9 -3.45 2.05 -2.59
C TRP A 9 -2.09 2.72 -2.73
N LYS A 10 -2.04 3.81 -3.49
CA LYS A 10 -0.80 4.55 -3.71
C LYS A 10 -0.09 4.84 -2.38
N CYS A 11 1.16 4.41 -2.29
CA CYS A 11 1.96 4.63 -1.07
C CYS A 11 3.31 5.24 -1.42
N GLY A 12 3.78 6.14 -0.56
CA GLY A 12 5.05 6.79 -0.79
C GLY A 12 5.28 7.96 0.15
N SER A 13 6.00 8.97 -0.35
CA SER A 13 6.29 10.17 0.45
C SER A 13 5.09 11.11 0.46
N GLY A 14 4.29 11.02 1.51
CA GLY A 14 3.12 11.88 1.62
C GLY A 14 1.83 11.09 1.57
N LYS A 15 1.87 9.86 2.07
CA LYS A 15 0.69 8.99 2.07
C LYS A 15 0.68 8.11 3.31
N PRO A 16 -0.43 7.41 3.55
CA PRO A 16 -0.58 6.52 4.70
C PRO A 16 -0.02 5.13 4.43
N ALA A 17 0.25 4.38 5.49
CA ALA A 17 0.79 3.04 5.37
C ALA A 17 -0.31 2.04 5.04
N CYS A 18 0.10 0.87 4.55
CA CYS A 18 -0.85 -0.18 4.18
C CYS A 18 -1.28 -0.97 5.42
N CYS A 19 -2.51 -1.47 5.40
CA CYS A 19 -3.03 -2.24 6.52
C CYS A 19 -2.17 -3.48 6.77
N PRO A 20 -2.47 -4.21 7.86
CA PRO A 20 -1.72 -5.43 8.23
C PRO A 20 -1.80 -6.50 7.14
N LYS A 21 -2.83 -6.44 6.31
CA LYS A 21 -3.01 -7.42 5.24
C LYS A 21 -2.28 -7.00 3.96
N TYR A 22 -2.21 -5.70 3.73
CA TYR A 22 -1.54 -5.18 2.54
C TYR A 22 -0.21 -4.54 2.88
N VAL A 23 0.58 -4.25 1.84
CA VAL A 23 1.89 -3.63 2.03
C VAL A 23 2.32 -2.88 0.78
N CYS A 24 3.26 -1.94 0.95
CA CYS A 24 3.75 -1.15 -0.17
C CYS A 24 4.79 -1.93 -0.97
N SER A 25 4.42 -2.33 -2.18
CA SER A 25 5.32 -3.08 -3.06
C SER A 25 6.58 -2.28 -3.36
N PRO A 26 7.74 -2.97 -3.42
CA PRO A 26 9.02 -2.32 -3.70
C PRO A 26 9.12 -1.86 -5.16
N LYS A 27 8.47 -2.58 -6.05
CA LYS A 27 8.49 -2.24 -7.48
C LYS A 27 7.50 -1.11 -7.77
N TRP A 28 6.26 -1.30 -7.33
CA TRP A 28 5.22 -0.30 -7.55
C TRP A 28 4.84 0.39 -6.23
N GLY A 29 4.63 1.70 -6.28
CA GLY A 29 4.27 2.45 -5.10
C GLY A 29 2.80 2.32 -4.76
N LEU A 30 2.36 1.09 -4.48
CA LEU A 30 0.96 0.84 -4.15
C LEU A 30 0.84 -0.22 -3.07
N CYS A 31 -0.26 -0.18 -2.33
CA CYS A 31 -0.51 -1.14 -1.26
C CYS A 31 -1.28 -2.35 -1.78
N ASN A 32 -0.70 -3.53 -1.62
CA ASN A 32 -1.34 -4.76 -2.07
C ASN A 32 -0.93 -5.94 -1.19
N PHE A 33 -1.38 -7.14 -1.57
CA PHE A 33 -1.06 -8.34 -0.81
C PHE A 33 0.45 -8.55 -0.73
N PRO A 34 0.92 -9.25 0.31
CA PRO A 34 2.35 -9.53 0.50
C PRO A 34 2.85 -10.61 -0.45
N MET A 35 4.16 -10.61 -0.70
CA MET A 35 4.76 -11.60 -1.58
C MET A 35 6.01 -12.21 -0.95
N PRO A 36 6.24 -13.52 -1.16
CA PRO A 36 7.40 -14.22 -0.60
C PRO A 36 8.70 -13.80 -1.27
N GLU A 1 -7.70 3.61 8.67
CA GLU A 1 -9.12 3.14 8.62
C GLU A 1 -9.95 4.02 7.69
N GLY A 2 -10.24 3.51 6.51
CA GLY A 2 -11.04 4.26 5.56
C GLY A 2 -10.19 4.92 4.48
N GLU A 3 -8.94 5.20 4.81
CA GLU A 3 -8.03 5.84 3.86
C GLU A 3 -6.65 5.16 3.89
N CYS A 4 -6.65 3.83 3.84
CA CYS A 4 -5.41 3.07 3.85
C CYS A 4 -5.16 2.41 2.49
N GLY A 5 -4.24 1.45 2.47
CA GLY A 5 -3.93 0.76 1.23
C GLY A 5 -4.65 -0.57 1.11
N GLY A 6 -5.22 -0.83 -0.07
CA GLY A 6 -5.93 -2.07 -0.29
C GLY A 6 -5.14 -3.07 -1.11
N PHE A 7 -5.80 -3.69 -2.08
CA PHE A 7 -5.15 -4.67 -2.94
C PHE A 7 -4.18 -4.00 -3.92
N TRP A 8 -4.43 -2.74 -4.24
CA TRP A 8 -3.57 -2.00 -5.15
C TRP A 8 -3.76 -0.49 -4.99
N TRP A 9 -3.33 0.03 -3.85
CA TRP A 9 -3.44 1.46 -3.58
C TRP A 9 -2.19 2.19 -4.06
N LYS A 10 -2.10 3.47 -3.76
CA LYS A 10 -0.95 4.27 -4.18
C LYS A 10 -0.15 4.74 -2.97
N CYS A 11 1.02 4.14 -2.77
CA CYS A 11 1.88 4.49 -1.65
C CYS A 11 3.18 5.12 -2.15
N GLY A 12 3.67 6.12 -1.42
CA GLY A 12 4.90 6.79 -1.80
C GLY A 12 5.07 8.12 -1.12
N SER A 13 5.77 9.05 -1.79
CA SER A 13 6.00 10.38 -1.23
C SER A 13 4.77 11.27 -1.44
N GLY A 14 3.92 11.33 -0.43
CA GLY A 14 2.73 12.15 -0.51
C GLY A 14 1.46 11.31 -0.52
N LYS A 15 1.51 10.17 0.14
CA LYS A 15 0.36 9.27 0.21
C LYS A 15 0.28 8.58 1.57
N PRO A 16 -0.83 7.87 1.85
CA PRO A 16 -1.03 7.17 3.10
C PRO A 16 -0.40 5.78 3.08
N ALA A 17 -0.20 5.22 4.27
CA ALA A 17 0.40 3.89 4.40
C ALA A 17 -0.65 2.81 4.15
N CYS A 18 -0.17 1.61 3.82
CA CYS A 18 -1.07 0.48 3.56
C CYS A 18 -1.63 -0.07 4.86
N CYS A 19 -2.84 -0.63 4.80
CA CYS A 19 -3.48 -1.18 5.98
C CYS A 19 -2.63 -2.31 6.58
N PRO A 20 -3.05 -2.86 7.73
CA PRO A 20 -2.35 -3.94 8.41
C PRO A 20 -2.27 -5.22 7.57
N LYS A 21 -3.15 -5.33 6.58
CA LYS A 21 -3.20 -6.51 5.73
C LYS A 21 -2.39 -6.31 4.46
N TYR A 22 -2.26 -5.06 4.02
CA TYR A 22 -1.51 -4.75 2.81
C TYR A 22 -0.24 -3.98 3.11
N VAL A 23 0.70 -3.99 2.16
CA VAL A 23 1.97 -3.28 2.33
C VAL A 23 2.43 -2.68 1.01
N CYS A 24 3.33 -1.72 1.09
CA CYS A 24 3.86 -1.06 -0.10
C CYS A 24 4.94 -1.91 -0.76
N SER A 25 4.66 -2.34 -1.99
CA SER A 25 5.59 -3.17 -2.75
C SER A 25 6.94 -2.46 -2.92
N PRO A 26 8.04 -3.23 -2.88
CA PRO A 26 9.39 -2.68 -3.03
C PRO A 26 9.63 -2.11 -4.43
N LYS A 27 9.09 -2.79 -5.43
CA LYS A 27 9.25 -2.36 -6.82
C LYS A 27 8.28 -1.23 -7.15
N TRP A 28 6.99 -1.56 -7.18
CA TRP A 28 5.97 -0.57 -7.48
C TRP A 28 5.54 0.17 -6.21
N GLY A 29 5.01 1.37 -6.38
CA GLY A 29 4.57 2.16 -5.24
C GLY A 29 3.08 1.99 -4.95
N LEU A 30 2.66 0.74 -4.79
CA LEU A 30 1.26 0.45 -4.50
C LEU A 30 1.12 -0.49 -3.31
N CYS A 31 -0.09 -0.59 -2.78
CA CYS A 31 -0.35 -1.45 -1.63
C CYS A 31 -1.08 -2.72 -2.06
N ASN A 32 -0.46 -3.87 -1.80
CA ASN A 32 -1.04 -5.16 -2.16
C ASN A 32 -0.74 -6.21 -1.10
N PHE A 33 -1.15 -7.44 -1.36
CA PHE A 33 -0.93 -8.54 -0.42
C PHE A 33 0.57 -8.75 -0.18
N PRO A 34 0.93 -9.33 0.98
CA PRO A 34 2.33 -9.58 1.34
C PRO A 34 3.02 -10.48 0.32
N MET A 35 3.68 -9.88 -0.66
CA MET A 35 4.38 -10.62 -1.69
C MET A 35 3.44 -11.58 -2.42
N PRO A 36 2.79 -11.11 -3.49
CA PRO A 36 1.85 -11.94 -4.27
C PRO A 36 2.56 -13.06 -5.02
N GLU A 1 -12.57 12.14 4.81
CA GLU A 1 -12.12 10.87 4.17
C GLU A 1 -10.84 10.35 4.83
N GLY A 2 -10.39 9.19 4.38
CA GLY A 2 -9.17 8.60 4.93
C GLY A 2 -9.24 7.08 4.98
N GLU A 3 -8.33 6.44 4.26
CA GLU A 3 -8.27 4.97 4.23
C GLU A 3 -6.86 4.49 3.93
N CYS A 4 -6.40 3.52 4.71
CA CYS A 4 -5.06 2.96 4.53
C CYS A 4 -4.93 2.31 3.16
N GLY A 5 -3.81 1.63 2.94
CA GLY A 5 -3.58 0.96 1.67
C GLY A 5 -4.25 -0.39 1.59
N GLY A 6 -4.91 -0.65 0.45
CA GLY A 6 -5.60 -1.91 0.27
C GLY A 6 -4.88 -2.82 -0.71
N PHE A 7 -5.63 -3.46 -1.58
CA PHE A 7 -5.07 -4.37 -2.58
C PHE A 7 -4.21 -3.62 -3.59
N TRP A 8 -4.53 -2.35 -3.80
CA TRP A 8 -3.78 -1.53 -4.75
C TRP A 8 -3.95 -0.04 -4.46
N TRP A 9 -3.21 0.44 -3.46
CA TRP A 9 -3.29 1.85 -3.07
C TRP A 9 -1.93 2.54 -3.24
N LYS A 10 -1.90 3.60 -4.05
CA LYS A 10 -0.66 4.33 -4.30
C LYS A 10 0.03 4.71 -2.99
N CYS A 11 1.32 4.38 -2.90
CA CYS A 11 2.10 4.69 -1.71
C CYS A 11 3.41 5.37 -2.07
N GLY A 12 3.82 6.33 -1.26
CA GLY A 12 5.06 7.04 -1.51
C GLY A 12 5.13 8.38 -0.81
N SER A 13 5.82 9.34 -1.42
CA SER A 13 5.94 10.67 -0.84
C SER A 13 4.70 11.50 -1.11
N GLY A 14 3.80 11.53 -0.13
CA GLY A 14 2.57 12.29 -0.28
C GLY A 14 1.34 11.41 -0.35
N LYS A 15 1.42 10.26 0.33
CA LYS A 15 0.32 9.30 0.36
C LYS A 15 0.26 8.57 1.68
N PRO A 16 -0.80 7.79 1.92
CA PRO A 16 -0.98 7.03 3.15
C PRO A 16 -0.27 5.69 3.10
N ALA A 17 0.06 5.15 4.27
CA ALA A 17 0.75 3.87 4.37
C ALA A 17 -0.23 2.70 4.19
N CYS A 18 0.31 1.52 3.92
CA CYS A 18 -0.51 0.33 3.74
C CYS A 18 -0.84 -0.31 5.08
N CYS A 19 -2.06 -0.80 5.22
CA CYS A 19 -2.49 -1.44 6.46
C CYS A 19 -1.62 -2.65 6.78
N PRO A 20 -1.81 -3.25 7.98
CA PRO A 20 -1.04 -4.41 8.40
C PRO A 20 -1.19 -5.60 7.45
N LYS A 21 -2.30 -5.62 6.71
CA LYS A 21 -2.57 -6.70 5.77
C LYS A 21 -1.90 -6.45 4.43
N TYR A 22 -1.68 -5.18 4.09
CA TYR A 22 -1.05 -4.82 2.84
C TYR A 22 0.32 -4.18 3.06
N VAL A 23 1.04 -3.93 1.97
CA VAL A 23 2.35 -3.31 2.05
C VAL A 23 2.72 -2.63 0.73
N CYS A 24 3.63 -1.67 0.81
CA CYS A 24 4.06 -0.93 -0.37
C CYS A 24 5.11 -1.72 -1.13
N SER A 25 4.78 -2.11 -2.36
CA SER A 25 5.71 -2.87 -3.21
C SER A 25 7.01 -2.11 -3.41
N PRO A 26 8.14 -2.84 -3.46
CA PRO A 26 9.46 -2.23 -3.65
C PRO A 26 9.70 -1.80 -5.09
N LYS A 27 9.17 -2.57 -6.03
CA LYS A 27 9.33 -2.27 -7.45
C LYS A 27 8.33 -1.19 -7.89
N TRP A 28 7.10 -1.31 -7.40
CA TRP A 28 6.05 -0.36 -7.74
C TRP A 28 5.73 0.54 -6.55
N GLY A 29 4.73 1.40 -6.72
CA GLY A 29 4.34 2.30 -5.65
C GLY A 29 2.89 2.13 -5.26
N LEU A 30 2.49 0.89 -5.00
CA LEU A 30 1.11 0.60 -4.62
C LEU A 30 1.06 -0.36 -3.44
N CYS A 31 -0.03 -0.30 -2.68
CA CYS A 31 -0.21 -1.16 -1.52
C CYS A 31 -0.98 -2.42 -1.90
N ASN A 32 -0.42 -3.58 -1.57
CA ASN A 32 -1.05 -4.86 -1.87
C ASN A 32 -0.69 -5.90 -0.81
N PHE A 33 -1.18 -7.12 -1.02
CA PHE A 33 -0.91 -8.21 -0.09
C PHE A 33 0.55 -8.64 -0.16
N PRO A 34 1.12 -9.09 0.97
CA PRO A 34 2.52 -9.53 1.03
C PRO A 34 2.72 -10.90 0.38
N MET A 35 3.98 -11.24 0.12
CA MET A 35 4.30 -12.52 -0.50
C MET A 35 4.59 -13.58 0.56
N PRO A 36 4.20 -14.84 0.30
CA PRO A 36 4.42 -15.95 1.24
C PRO A 36 5.87 -16.03 1.71
N GLU A 1 -13.85 9.36 8.38
CA GLU A 1 -12.90 9.16 7.26
C GLU A 1 -11.73 8.27 7.68
N GLY A 2 -11.02 7.73 6.69
CA GLY A 2 -9.89 6.87 6.99
C GLY A 2 -9.71 5.77 5.94
N GLU A 3 -8.99 6.10 4.87
CA GLU A 3 -8.74 5.14 3.80
C GLU A 3 -7.27 4.75 3.74
N CYS A 4 -7.01 3.46 3.79
CA CYS A 4 -5.64 2.94 3.74
C CYS A 4 -5.35 2.26 2.41
N GLY A 5 -4.21 1.60 2.32
CA GLY A 5 -3.83 0.91 1.10
C GLY A 5 -4.46 -0.47 1.01
N GLY A 6 -5.07 -0.77 -0.14
CA GLY A 6 -5.70 -2.06 -0.33
C GLY A 6 -4.87 -2.98 -1.19
N PHE A 7 -5.53 -3.71 -2.09
CA PHE A 7 -4.85 -4.64 -2.98
C PHE A 7 -3.95 -3.90 -3.98
N TRP A 8 -4.29 -2.65 -4.26
CA TRP A 8 -3.52 -1.85 -5.20
C TRP A 8 -3.75 -0.36 -4.97
N TRP A 9 -3.10 0.18 -3.95
CA TRP A 9 -3.23 1.60 -3.63
C TRP A 9 -1.89 2.32 -3.73
N LYS A 10 -1.81 3.31 -4.61
CA LYS A 10 -0.58 4.07 -4.81
C LYS A 10 -0.01 4.55 -3.47
N CYS A 11 1.26 4.24 -3.23
CA CYS A 11 1.93 4.64 -2.00
C CYS A 11 3.29 5.26 -2.30
N GLY A 12 3.64 6.29 -1.53
CA GLY A 12 4.91 6.95 -1.73
C GLY A 12 5.09 8.15 -0.81
N SER A 13 5.91 9.11 -1.24
CA SER A 13 6.16 10.31 -0.46
C SER A 13 5.02 11.30 -0.60
N GLY A 14 4.07 11.25 0.33
CA GLY A 14 2.93 12.15 0.28
C GLY A 14 1.63 11.43 0.02
N LYS A 15 1.55 10.19 0.48
CA LYS A 15 0.34 9.38 0.29
C LYS A 15 0.09 8.51 1.52
N PRO A 16 -1.15 7.99 1.65
CA PRO A 16 -1.52 7.13 2.78
C PRO A 16 -0.78 5.80 2.76
N ALA A 17 -0.49 5.26 3.94
CA ALA A 17 0.21 3.99 4.06
C ALA A 17 -0.73 2.82 3.84
N CYS A 18 -0.16 1.64 3.63
CA CYS A 18 -0.94 0.43 3.40
C CYS A 18 -1.35 -0.21 4.73
N CYS A 19 -2.59 -0.70 4.79
CA CYS A 19 -3.10 -1.33 6.00
C CYS A 19 -2.22 -2.52 6.41
N PRO A 20 -2.49 -3.10 7.59
CA PRO A 20 -1.74 -4.25 8.10
C PRO A 20 -1.79 -5.44 7.16
N LYS A 21 -2.86 -5.53 6.37
CA LYS A 21 -3.04 -6.63 5.43
C LYS A 21 -2.26 -6.39 4.15
N TYR A 22 -1.99 -5.13 3.82
CA TYR A 22 -1.26 -4.79 2.61
C TYR A 22 0.05 -4.10 2.94
N VAL A 23 0.83 -3.81 1.90
CA VAL A 23 2.12 -3.15 2.07
C VAL A 23 2.59 -2.51 0.77
N CYS A 24 3.46 -1.52 0.88
CA CYS A 24 3.98 -0.83 -0.29
C CYS A 24 5.09 -1.64 -0.97
N SER A 25 4.83 -2.08 -2.19
CA SER A 25 5.80 -2.88 -2.94
C SER A 25 7.12 -2.14 -3.09
N PRO A 26 8.23 -2.88 -3.07
CA PRO A 26 9.57 -2.29 -3.21
C PRO A 26 9.88 -1.88 -4.65
N LYS A 27 9.41 -2.69 -5.59
CA LYS A 27 9.63 -2.42 -7.01
C LYS A 27 8.63 -1.38 -7.53
N TRP A 28 7.37 -1.56 -7.17
CA TRP A 28 6.33 -0.64 -7.60
C TRP A 28 5.91 0.28 -6.46
N GLY A 29 5.04 1.24 -6.76
CA GLY A 29 4.58 2.17 -5.75
C GLY A 29 3.10 2.00 -5.44
N LEU A 30 2.70 0.76 -5.16
CA LEU A 30 1.31 0.45 -4.84
C LEU A 30 1.21 -0.45 -3.63
N CYS A 31 0.07 -0.40 -2.96
CA CYS A 31 -0.17 -1.22 -1.77
C CYS A 31 -0.85 -2.53 -2.14
N ASN A 32 -0.27 -3.63 -1.72
CA ASN A 32 -0.81 -4.95 -2.00
C ASN A 32 -0.45 -5.94 -0.90
N PHE A 33 -0.85 -7.20 -1.07
CA PHE A 33 -0.56 -8.23 -0.07
C PHE A 33 0.94 -8.41 0.11
N PRO A 34 1.38 -8.74 1.34
CA PRO A 34 2.80 -8.93 1.63
C PRO A 34 3.38 -10.13 0.90
N MET A 35 3.02 -11.33 1.34
CA MET A 35 3.50 -12.56 0.73
C MET A 35 2.56 -13.72 1.02
N PRO A 36 2.41 -14.66 0.06
CA PRO A 36 1.53 -15.82 0.22
C PRO A 36 1.79 -16.57 1.52
N GLU A 1 -11.12 1.74 6.72
CA GLU A 1 -11.26 0.82 5.56
C GLU A 1 -11.56 1.59 4.27
N GLY A 2 -10.67 1.46 3.30
CA GLY A 2 -10.85 2.14 2.03
C GLY A 2 -9.98 3.37 1.90
N GLU A 3 -9.64 3.98 3.04
CA GLU A 3 -8.80 5.17 3.06
C GLU A 3 -7.33 4.79 3.07
N CYS A 4 -7.01 3.66 3.71
CA CYS A 4 -5.63 3.20 3.79
C CYS A 4 -5.19 2.56 2.47
N GLY A 5 -4.01 1.95 2.48
CA GLY A 5 -3.50 1.31 1.29
C GLY A 5 -4.18 -0.01 1.00
N GLY A 6 -4.97 -0.05 -0.07
CA GLY A 6 -5.67 -1.27 -0.44
C GLY A 6 -4.81 -2.20 -1.28
N PHE A 7 -5.47 -2.89 -2.22
CA PHE A 7 -4.76 -3.81 -3.10
C PHE A 7 -3.80 -3.08 -4.03
N TRP A 8 -4.07 -1.80 -4.28
CA TRP A 8 -3.23 -1.00 -5.15
C TRP A 8 -3.41 0.50 -4.86
N TRP A 9 -2.78 0.97 -3.79
CA TRP A 9 -2.87 2.38 -3.40
C TRP A 9 -1.50 3.05 -3.50
N LYS A 10 -1.41 4.08 -4.34
CA LYS A 10 -0.16 4.81 -4.54
C LYS A 10 0.41 5.25 -3.20
N CYS A 11 1.64 4.80 -2.91
CA CYS A 11 2.31 5.16 -1.66
C CYS A 11 3.64 5.86 -1.95
N GLY A 12 3.97 6.84 -1.12
CA GLY A 12 5.21 7.58 -1.30
C GLY A 12 5.29 8.80 -0.42
N SER A 13 6.04 9.80 -0.87
CA SER A 13 6.20 11.04 -0.11
C SER A 13 5.00 11.96 -0.30
N GLY A 14 3.96 11.72 0.50
CA GLY A 14 2.75 12.52 0.41
C GLY A 14 1.50 11.70 0.62
N LYS A 15 1.59 10.40 0.38
CA LYS A 15 0.46 9.50 0.55
C LYS A 15 0.51 8.83 1.92
N PRO A 16 -0.58 8.15 2.30
CA PRO A 16 -0.68 7.46 3.59
C PRO A 16 -0.07 6.06 3.53
N ALA A 17 0.09 5.45 4.70
CA ALA A 17 0.66 4.11 4.79
C ALA A 17 -0.39 3.05 4.47
N CYS A 18 0.07 1.85 4.12
CA CYS A 18 -0.83 0.76 3.78
C CYS A 18 -1.35 0.09 5.05
N CYS A 19 -2.55 -0.46 4.96
CA CYS A 19 -3.17 -1.13 6.11
C CYS A 19 -2.33 -2.31 6.57
N PRO A 20 -2.70 -2.93 7.70
CA PRO A 20 -1.97 -4.08 8.25
C PRO A 20 -1.91 -5.26 7.29
N LYS A 21 -2.82 -5.27 6.31
CA LYS A 21 -2.87 -6.35 5.33
C LYS A 21 -2.06 -6.01 4.08
N TYR A 22 -2.09 -4.75 3.68
CA TYR A 22 -1.36 -4.30 2.49
C TYR A 22 -0.04 -3.63 2.87
N VAL A 23 0.87 -3.55 1.90
CA VAL A 23 2.17 -2.93 2.13
C VAL A 23 2.67 -2.22 0.88
N CYS A 24 3.53 -1.23 1.06
CA CYS A 24 4.08 -0.48 -0.07
C CYS A 24 5.21 -1.24 -0.74
N SER A 25 4.96 -1.71 -1.97
CA SER A 25 5.95 -2.46 -2.72
C SER A 25 7.21 -1.63 -2.93
N PRO A 26 8.39 -2.28 -2.85
CA PRO A 26 9.67 -1.60 -3.04
C PRO A 26 9.91 -1.18 -4.48
N LYS A 27 9.48 -2.03 -5.42
CA LYS A 27 9.64 -1.74 -6.84
C LYS A 27 8.56 -0.78 -7.32
N TRP A 28 7.32 -1.00 -6.87
CA TRP A 28 6.22 -0.15 -7.27
C TRP A 28 5.69 0.64 -6.06
N GLY A 29 5.45 1.93 -6.28
CA GLY A 29 4.96 2.78 -5.21
C GLY A 29 3.47 2.63 -5.00
N LEU A 30 3.04 1.41 -4.67
CA LEU A 30 1.63 1.14 -4.44
C LEU A 30 1.44 0.14 -3.29
N CYS A 31 0.29 0.22 -2.64
CA CYS A 31 -0.01 -0.67 -1.52
C CYS A 31 -0.74 -1.92 -2.01
N ASN A 32 -0.22 -3.09 -1.64
CA ASN A 32 -0.82 -4.36 -2.04
C ASN A 32 -0.46 -5.46 -1.06
N PHE A 33 -1.03 -6.65 -1.28
CA PHE A 33 -0.77 -7.79 -0.40
C PHE A 33 0.71 -8.18 -0.45
N PRO A 34 1.21 -8.85 0.61
CA PRO A 34 2.60 -9.28 0.69
C PRO A 34 2.92 -10.40 -0.30
N MET A 35 1.98 -11.33 -0.44
CA MET A 35 2.16 -12.45 -1.36
C MET A 35 0.91 -13.33 -1.38
N PRO A 36 0.45 -13.73 -2.59
CA PRO A 36 -0.74 -14.58 -2.73
C PRO A 36 -0.69 -15.82 -1.84
N GLU A 1 -12.95 7.42 9.46
CA GLU A 1 -12.50 7.68 8.06
C GLU A 1 -11.42 6.68 7.64
N GLY A 2 -11.83 5.48 7.29
CA GLY A 2 -10.88 4.46 6.87
C GLY A 2 -10.07 4.89 5.66
N GLU A 3 -8.78 5.06 5.86
CA GLU A 3 -7.88 5.48 4.79
C GLU A 3 -6.60 4.65 4.79
N CYS A 4 -6.59 3.58 4.01
CA CYS A 4 -5.43 2.70 3.92
C CYS A 4 -5.24 2.19 2.49
N GLY A 5 -4.41 1.16 2.35
CA GLY A 5 -4.16 0.60 1.03
C GLY A 5 -4.94 -0.68 0.79
N GLY A 6 -5.02 -1.09 -0.47
CA GLY A 6 -5.76 -2.30 -0.81
C GLY A 6 -5.01 -3.17 -1.79
N PHE A 7 -5.67 -3.55 -2.87
CA PHE A 7 -5.06 -4.40 -3.89
C PHE A 7 -3.98 -3.64 -4.66
N TRP A 8 -4.17 -2.34 -4.79
CA TRP A 8 -3.21 -1.50 -5.51
C TRP A 8 -3.37 -0.03 -5.13
N TRP A 9 -2.85 0.33 -3.96
CA TRP A 9 -2.94 1.70 -3.47
C TRP A 9 -1.56 2.37 -3.46
N LYS A 10 -1.45 3.50 -4.14
CA LYS A 10 -0.19 4.24 -4.21
C LYS A 10 0.32 4.60 -2.82
N CYS A 11 1.50 4.10 -2.48
CA CYS A 11 2.10 4.37 -1.18
C CYS A 11 3.50 4.95 -1.34
N GLY A 12 3.84 5.91 -0.47
CA GLY A 12 5.16 6.53 -0.53
C GLY A 12 5.23 7.80 0.28
N SER A 13 6.07 8.74 -0.16
CA SER A 13 6.23 10.01 0.52
C SER A 13 5.11 10.97 0.15
N GLY A 14 4.03 10.93 0.91
CA GLY A 14 2.90 11.80 0.65
C GLY A 14 1.66 11.03 0.24
N LYS A 15 1.53 9.81 0.74
CA LYS A 15 0.38 8.97 0.43
C LYS A 15 -0.01 8.11 1.64
N PRO A 16 -1.24 7.57 1.64
CA PRO A 16 -1.73 6.74 2.74
C PRO A 16 -1.01 5.39 2.81
N ALA A 17 -0.89 4.86 4.02
CA ALA A 17 -0.22 3.58 4.23
C ALA A 17 -1.14 2.41 3.88
N CYS A 18 -0.55 1.23 3.72
CA CYS A 18 -1.32 0.04 3.39
C CYS A 18 -1.93 -0.58 4.64
N CYS A 19 -3.14 -1.11 4.51
CA CYS A 19 -3.83 -1.73 5.63
C CYS A 19 -3.00 -2.89 6.19
N PRO A 20 -3.39 -3.43 7.36
CA PRO A 20 -2.67 -4.54 7.98
C PRO A 20 -2.69 -5.81 7.13
N LYS A 21 -3.59 -5.84 6.15
CA LYS A 21 -3.71 -6.99 5.26
C LYS A 21 -2.82 -6.83 4.03
N TYR A 22 -2.51 -5.59 3.68
CA TYR A 22 -1.66 -5.31 2.52
C TYR A 22 -0.37 -4.61 2.95
N VAL A 23 0.57 -4.50 2.01
CA VAL A 23 1.86 -3.86 2.28
C VAL A 23 2.34 -3.07 1.07
N CYS A 24 3.24 -2.13 1.30
CA CYS A 24 3.78 -1.30 0.23
C CYS A 24 4.88 -2.05 -0.52
N SER A 25 4.71 -2.18 -1.83
CA SER A 25 5.68 -2.87 -2.68
C SER A 25 7.07 -2.27 -2.52
N PRO A 26 8.10 -3.12 -2.46
CA PRO A 26 9.49 -2.67 -2.31
C PRO A 26 10.02 -1.99 -3.57
N LYS A 27 9.78 -2.62 -4.72
CA LYS A 27 10.23 -2.08 -6.00
C LYS A 27 9.29 -0.98 -6.47
N TRP A 28 7.99 -1.26 -6.44
CA TRP A 28 6.98 -0.29 -6.87
C TRP A 28 6.49 0.53 -5.69
N GLY A 29 5.49 1.39 -5.95
CA GLY A 29 4.95 2.22 -4.90
C GLY A 29 3.45 2.02 -4.74
N LEU A 30 3.02 0.76 -4.68
CA LEU A 30 1.61 0.44 -4.53
C LEU A 30 1.39 -0.59 -3.43
N CYS A 31 0.20 -0.60 -2.86
CA CYS A 31 -0.14 -1.55 -1.80
C CYS A 31 -0.91 -2.74 -2.37
N ASN A 32 -0.38 -3.93 -2.15
CA ASN A 32 -1.01 -5.15 -2.64
C ASN A 32 -0.98 -6.25 -1.57
N PHE A 33 -1.55 -7.40 -1.91
CA PHE A 33 -1.58 -8.53 -0.98
C PHE A 33 -0.17 -8.98 -0.60
N PRO A 34 -0.02 -9.65 0.54
CA PRO A 34 1.28 -10.13 1.01
C PRO A 34 1.99 -10.98 -0.02
N MET A 35 2.85 -10.35 -0.82
CA MET A 35 3.59 -11.06 -1.86
C MET A 35 4.98 -10.44 -2.06
N PRO A 36 5.86 -10.59 -1.06
CA PRO A 36 7.23 -10.05 -1.13
C PRO A 36 8.10 -10.79 -2.14
N GLU A 1 -11.23 2.17 6.75
CA GLU A 1 -11.43 1.30 5.57
C GLU A 1 -11.71 2.13 4.32
N GLY A 2 -10.85 1.98 3.32
CA GLY A 2 -11.00 2.71 2.08
C GLY A 2 -10.03 3.87 1.96
N GLU A 3 -9.64 4.43 3.10
CA GLU A 3 -8.71 5.56 3.12
C GLU A 3 -7.27 5.07 3.14
N CYS A 4 -7.03 3.92 3.77
CA CYS A 4 -5.70 3.36 3.86
C CYS A 4 -5.30 2.71 2.54
N GLY A 5 -4.17 2.02 2.55
CA GLY A 5 -3.69 1.36 1.34
C GLY A 5 -4.37 0.02 1.10
N GLY A 6 -5.17 -0.05 0.04
CA GLY A 6 -5.86 -1.28 -0.28
C GLY A 6 -5.00 -2.24 -1.07
N PHE A 7 -5.63 -2.97 -1.98
CA PHE A 7 -4.91 -3.94 -2.81
C PHE A 7 -3.99 -3.24 -3.81
N TRP A 8 -4.25 -1.97 -4.06
CA TRP A 8 -3.43 -1.19 -4.98
C TRP A 8 -3.59 0.31 -4.74
N TRP A 9 -2.94 0.81 -3.70
CA TRP A 9 -3.01 2.23 -3.35
C TRP A 9 -1.63 2.87 -3.47
N LYS A 10 -1.52 3.86 -4.37
CA LYS A 10 -0.26 4.56 -4.58
C LYS A 10 0.34 5.03 -3.25
N CYS A 11 1.58 4.61 -3.00
CA CYS A 11 2.26 4.99 -1.77
C CYS A 11 3.62 5.63 -2.08
N GLY A 12 3.99 6.65 -1.30
CA GLY A 12 5.25 7.32 -1.50
C GLY A 12 5.40 8.55 -0.63
N SER A 13 6.18 9.52 -1.11
CA SER A 13 6.39 10.75 -0.36
C SER A 13 5.23 11.71 -0.53
N GLY A 14 4.18 11.52 0.28
CA GLY A 14 3.01 12.36 0.20
C GLY A 14 1.73 11.60 0.46
N LYS A 15 1.78 10.28 0.24
CA LYS A 15 0.62 9.42 0.45
C LYS A 15 0.66 8.79 1.83
N PRO A 16 -0.45 8.18 2.26
CA PRO A 16 -0.54 7.54 3.56
C PRO A 16 0.01 6.11 3.56
N ALA A 17 0.12 5.52 4.73
CA ALA A 17 0.63 4.16 4.86
C ALA A 17 -0.45 3.13 4.54
N CYS A 18 -0.03 1.94 4.13
CA CYS A 18 -0.98 0.88 3.79
C CYS A 18 -1.54 0.25 5.05
N CYS A 19 -2.75 -0.31 4.95
CA CYS A 19 -3.41 -0.94 6.08
C CYS A 19 -2.57 -2.10 6.61
N PRO A 20 -3.01 -2.71 7.73
CA PRO A 20 -2.30 -3.83 8.35
C PRO A 20 -2.19 -5.04 7.43
N LYS A 21 -3.07 -5.12 6.44
CA LYS A 21 -3.08 -6.23 5.51
C LYS A 21 -2.26 -5.92 4.25
N TYR A 22 -2.25 -4.65 3.84
CA TYR A 22 -1.52 -4.24 2.66
C TYR A 22 -0.22 -3.53 3.04
N VAL A 23 0.69 -3.42 2.07
CA VAL A 23 1.97 -2.76 2.29
C VAL A 23 2.52 -2.18 1.00
N CYS A 24 3.45 -1.23 1.12
CA CYS A 24 4.04 -0.58 -0.05
C CYS A 24 5.12 -1.46 -0.66
N SER A 25 4.85 -2.00 -1.84
CA SER A 25 5.80 -2.87 -2.53
C SER A 25 7.09 -2.11 -2.85
N PRO A 26 8.24 -2.80 -2.76
CA PRO A 26 9.54 -2.20 -3.03
C PRO A 26 9.75 -1.90 -4.52
N LYS A 27 9.18 -2.77 -5.36
CA LYS A 27 9.30 -2.61 -6.81
C LYS A 27 8.30 -1.57 -7.32
N TRP A 28 7.06 -1.70 -6.88
CA TRP A 28 6.00 -0.77 -7.29
C TRP A 28 5.54 0.09 -6.13
N GLY A 29 5.37 1.38 -6.38
CA GLY A 29 4.95 2.29 -5.33
C GLY A 29 3.45 2.23 -5.09
N LEU A 30 2.96 1.06 -4.68
CA LEU A 30 1.54 0.87 -4.42
C LEU A 30 1.32 -0.05 -3.23
N CYS A 31 0.16 0.07 -2.60
CA CYS A 31 -0.18 -0.75 -1.45
C CYS A 31 -0.90 -2.02 -1.87
N ASN A 32 -0.33 -3.17 -1.53
CA ASN A 32 -0.92 -4.45 -1.88
C ASN A 32 -0.47 -5.53 -0.90
N PHE A 33 -0.86 -6.77 -1.19
CA PHE A 33 -0.50 -7.90 -0.33
C PHE A 33 1.02 -8.06 -0.24
N PRO A 34 1.51 -8.66 0.85
CA PRO A 34 2.95 -8.87 1.06
C PRO A 34 3.54 -9.87 0.08
N MET A 35 2.70 -10.81 -0.38
CA MET A 35 3.14 -11.84 -1.32
C MET A 35 2.22 -11.88 -2.54
N PRO A 36 2.51 -11.06 -3.57
CA PRO A 36 1.70 -11.02 -4.79
C PRO A 36 1.85 -12.28 -5.63
N GLU A 1 -9.96 11.24 1.87
CA GLU A 1 -9.95 9.78 2.16
C GLU A 1 -9.02 9.45 3.32
N GLY A 2 -9.53 8.72 4.30
CA GLY A 2 -8.74 8.35 5.46
C GLY A 2 -8.70 6.85 5.68
N GLU A 3 -8.31 6.10 4.64
CA GLU A 3 -8.22 4.65 4.73
C GLU A 3 -6.82 4.17 4.44
N CYS A 4 -6.37 3.17 5.20
CA CYS A 4 -5.03 2.62 5.02
C CYS A 4 -4.88 2.02 3.63
N GLY A 5 -3.75 1.33 3.40
CA GLY A 5 -3.50 0.73 2.11
C GLY A 5 -4.24 -0.59 1.94
N GLY A 6 -5.07 -0.66 0.91
CA GLY A 6 -5.83 -1.88 0.67
C GLY A 6 -5.14 -2.81 -0.30
N PHE A 7 -5.92 -3.50 -1.13
CA PHE A 7 -5.38 -4.44 -2.10
C PHE A 7 -4.48 -3.73 -3.12
N TRP A 8 -4.73 -2.44 -3.32
CA TRP A 8 -3.95 -1.64 -4.26
C TRP A 8 -4.06 -0.15 -3.97
N TRP A 9 -3.29 0.32 -2.99
CA TRP A 9 -3.32 1.73 -2.61
C TRP A 9 -2.02 2.42 -3.03
N LYS A 10 -2.14 3.41 -3.89
CA LYS A 10 -0.97 4.16 -4.37
C LYS A 10 -0.13 4.69 -3.21
N CYS A 11 1.06 4.14 -3.05
CA CYS A 11 1.96 4.56 -1.98
C CYS A 11 3.24 5.17 -2.55
N GLY A 12 3.74 6.21 -1.88
CA GLY A 12 4.95 6.87 -2.33
C GLY A 12 5.33 8.04 -1.45
N SER A 13 5.90 9.07 -2.06
CA SER A 13 6.32 10.26 -1.32
C SER A 13 5.14 11.22 -1.13
N GLY A 14 4.45 11.07 -0.01
CA GLY A 14 3.32 11.93 0.27
C GLY A 14 2.02 11.15 0.40
N LYS A 15 2.11 9.93 0.91
CA LYS A 15 0.94 9.09 1.09
C LYS A 15 1.07 8.24 2.35
N PRO A 16 -0.06 7.80 2.93
CA PRO A 16 -0.08 6.98 4.14
C PRO A 16 0.46 5.57 3.88
N ALA A 17 0.85 4.88 4.95
CA ALA A 17 1.37 3.53 4.85
C ALA A 17 0.24 2.51 4.70
N CYS A 18 0.60 1.30 4.30
CA CYS A 18 -0.38 0.23 4.11
C CYS A 18 -0.76 -0.39 5.45
N CYS A 19 -1.89 -1.08 5.48
CA CYS A 19 -2.35 -1.72 6.71
C CYS A 19 -1.45 -2.89 7.08
N PRO A 20 -1.70 -3.50 8.26
CA PRO A 20 -0.90 -4.63 8.74
C PRO A 20 -0.91 -5.82 7.78
N LYS A 21 -1.91 -5.86 6.91
CA LYS A 21 -2.05 -6.95 5.96
C LYS A 21 -1.43 -6.59 4.60
N TYR A 22 -1.61 -5.34 4.19
CA TYR A 22 -1.06 -4.87 2.92
C TYR A 22 0.29 -4.18 3.11
N VAL A 23 1.04 -4.10 2.02
CA VAL A 23 2.36 -3.46 2.06
C VAL A 23 2.69 -2.80 0.73
N CYS A 24 3.56 -1.80 0.76
CA CYS A 24 3.95 -1.07 -0.44
C CYS A 24 4.99 -1.86 -1.23
N SER A 25 4.60 -2.31 -2.42
CA SER A 25 5.51 -3.09 -3.28
C SER A 25 6.75 -2.27 -3.62
N PRO A 26 7.93 -2.92 -3.65
CA PRO A 26 9.19 -2.25 -3.96
C PRO A 26 9.26 -1.80 -5.42
N LYS A 27 8.71 -2.61 -6.31
CA LYS A 27 8.71 -2.29 -7.73
C LYS A 27 7.60 -1.30 -8.07
N TRP A 28 6.40 -1.59 -7.59
CA TRP A 28 5.25 -0.73 -7.83
C TRP A 28 4.82 -0.01 -6.55
N GLY A 29 4.47 1.26 -6.68
CA GLY A 29 4.04 2.03 -5.53
C GLY A 29 2.58 1.83 -5.20
N LEU A 30 2.22 0.60 -4.82
CA LEU A 30 0.85 0.27 -4.46
C LEU A 30 0.80 -0.69 -3.29
N CYS A 31 -0.18 -0.49 -2.40
CA CYS A 31 -0.35 -1.35 -1.24
C CYS A 31 -1.14 -2.60 -1.60
N ASN A 32 -0.55 -3.76 -1.33
CA ASN A 32 -1.20 -5.04 -1.63
C ASN A 32 -0.74 -6.12 -0.65
N PHE A 33 -1.24 -7.33 -0.85
CA PHE A 33 -0.89 -8.45 0.01
C PHE A 33 0.57 -8.86 -0.20
N PRO A 34 1.18 -9.49 0.82
CA PRO A 34 2.57 -9.94 0.75
C PRO A 34 2.83 -10.84 -0.45
N MET A 35 4.03 -10.74 -1.00
CA MET A 35 4.42 -11.54 -2.17
C MET A 35 3.47 -11.28 -3.33
N PRO A 36 3.80 -10.30 -4.19
CA PRO A 36 2.99 -9.95 -5.35
C PRO A 36 3.03 -11.03 -6.44
N GLU A 1 -12.75 7.86 6.39
CA GLU A 1 -12.27 7.41 7.73
C GLU A 1 -10.99 6.60 7.59
N GLY A 2 -11.10 5.43 6.97
CA GLY A 2 -9.93 4.57 6.79
C GLY A 2 -9.27 4.78 5.44
N GLU A 3 -8.16 5.51 5.44
CA GLU A 3 -7.43 5.77 4.21
C GLU A 3 -6.07 5.06 4.21
N CYS A 4 -6.11 3.73 4.10
CA CYS A 4 -4.89 2.94 4.09
C CYS A 4 -4.63 2.36 2.70
N GLY A 5 -3.76 1.36 2.62
CA GLY A 5 -3.44 0.75 1.35
C GLY A 5 -4.29 -0.48 1.06
N GLY A 6 -5.06 -0.43 -0.02
CA GLY A 6 -5.91 -1.55 -0.38
C GLY A 6 -5.23 -2.53 -1.32
N PHE A 7 -5.94 -2.93 -2.37
CA PHE A 7 -5.40 -3.88 -3.34
C PHE A 7 -4.42 -3.19 -4.29
N TRP A 8 -4.58 -1.88 -4.46
CA TRP A 8 -3.70 -1.12 -5.35
C TRP A 8 -3.72 0.36 -4.99
N TRP A 9 -3.23 0.68 -3.79
CA TRP A 9 -3.17 2.06 -3.33
C TRP A 9 -1.91 2.73 -3.84
N LYS A 10 -1.68 3.97 -3.42
CA LYS A 10 -0.49 4.71 -3.85
C LYS A 10 0.39 5.06 -2.65
N CYS A 11 1.49 4.36 -2.50
CA CYS A 11 2.42 4.60 -1.41
C CYS A 11 3.79 5.04 -1.94
N GLY A 12 4.41 5.97 -1.23
CA GLY A 12 5.72 6.46 -1.64
C GLY A 12 6.23 7.59 -0.76
N SER A 13 7.00 8.49 -1.36
CA SER A 13 7.54 9.63 -0.62
C SER A 13 6.50 10.73 -0.47
N GLY A 14 5.82 10.73 0.67
CA GLY A 14 4.80 11.73 0.93
C GLY A 14 3.41 11.15 0.99
N LYS A 15 3.32 9.89 1.42
CA LYS A 15 2.04 9.21 1.52
C LYS A 15 2.01 8.29 2.74
N PRO A 16 0.82 7.74 3.07
CA PRO A 16 0.65 6.85 4.21
C PRO A 16 0.99 5.40 3.87
N ALA A 17 1.16 4.58 4.90
CA ALA A 17 1.48 3.18 4.71
C ALA A 17 0.23 2.36 4.40
N CYS A 18 0.44 1.14 3.92
CA CYS A 18 -0.68 0.26 3.58
C CYS A 18 -1.29 -0.34 4.84
N CYS A 19 -2.45 -0.99 4.69
CA CYS A 19 -3.12 -1.59 5.83
C CYS A 19 -2.35 -2.80 6.35
N PRO A 20 -2.82 -3.41 7.45
CA PRO A 20 -2.17 -4.57 8.05
C PRO A 20 -2.13 -5.78 7.11
N LYS A 21 -3.04 -5.81 6.15
CA LYS A 21 -3.12 -6.91 5.20
C LYS A 21 -2.32 -6.61 3.93
N TYR A 22 -2.34 -5.35 3.50
CA TYR A 22 -1.63 -4.95 2.29
C TYR A 22 -0.28 -4.31 2.63
N VAL A 23 0.63 -4.34 1.66
CA VAL A 23 1.96 -3.76 1.84
C VAL A 23 2.41 -3.03 0.58
N CYS A 24 3.38 -2.13 0.74
CA CYS A 24 3.89 -1.37 -0.39
C CYS A 24 4.91 -2.18 -1.18
N SER A 25 4.60 -2.42 -2.46
CA SER A 25 5.48 -3.19 -3.32
C SER A 25 6.82 -2.48 -3.52
N PRO A 26 7.92 -3.23 -3.59
CA PRO A 26 9.26 -2.67 -3.77
C PRO A 26 9.44 -2.08 -5.17
N LYS A 27 8.82 -2.69 -6.16
CA LYS A 27 8.91 -2.22 -7.54
C LYS A 27 7.97 -1.05 -7.78
N TRP A 28 6.67 -1.33 -7.73
CA TRP A 28 5.66 -0.29 -7.94
C TRP A 28 5.27 0.35 -6.61
N GLY A 29 5.07 1.66 -6.63
CA GLY A 29 4.69 2.37 -5.42
C GLY A 29 3.21 2.25 -5.12
N LEU A 30 2.73 1.02 -4.96
CA LEU A 30 1.32 0.78 -4.66
C LEU A 30 1.16 -0.27 -3.57
N CYS A 31 -0.03 -0.32 -2.98
CA CYS A 31 -0.31 -1.28 -1.91
C CYS A 31 -1.15 -2.43 -2.44
N ASN A 32 -0.60 -3.64 -2.35
CA ASN A 32 -1.30 -4.83 -2.82
C ASN A 32 -1.15 -5.98 -1.82
N PHE A 33 -1.74 -7.13 -2.15
CA PHE A 33 -1.68 -8.30 -1.29
C PHE A 33 -0.23 -8.73 -1.07
N PRO A 34 0.04 -9.41 0.06
CA PRO A 34 1.39 -9.88 0.40
C PRO A 34 1.79 -11.09 -0.43
N MET A 35 2.88 -11.74 -0.03
CA MET A 35 3.38 -12.92 -0.74
C MET A 35 3.59 -14.08 0.22
N PRO A 36 3.40 -15.32 -0.26
CA PRO A 36 3.58 -16.52 0.57
C PRO A 36 5.04 -16.79 0.92
N GLU A 1 -10.70 3.26 9.92
CA GLU A 1 -10.49 2.79 8.52
C GLU A 1 -9.89 3.89 7.65
N GLY A 2 -10.61 5.01 7.54
CA GLY A 2 -10.13 6.12 6.74
C GLY A 2 -9.91 5.73 5.29
N GLU A 3 -8.65 5.72 4.87
CA GLU A 3 -8.30 5.37 3.50
C GLU A 3 -6.85 4.92 3.41
N CYS A 4 -6.55 3.75 3.95
CA CYS A 4 -5.20 3.20 3.93
C CYS A 4 -4.92 2.48 2.61
N GLY A 5 -3.78 1.81 2.55
CA GLY A 5 -3.42 1.09 1.34
C GLY A 5 -4.05 -0.30 1.28
N GLY A 6 -4.80 -0.55 0.22
CA GLY A 6 -5.45 -1.84 0.05
C GLY A 6 -4.68 -2.78 -0.85
N PHE A 7 -5.39 -3.41 -1.78
CA PHE A 7 -4.76 -4.34 -2.71
C PHE A 7 -3.91 -3.62 -3.74
N TRP A 8 -4.26 -2.36 -4.01
CA TRP A 8 -3.52 -1.56 -4.99
C TRP A 8 -3.74 -0.07 -4.76
N TRP A 9 -3.06 0.47 -3.75
CA TRP A 9 -3.18 1.88 -3.43
C TRP A 9 -1.87 2.62 -3.71
N LYS A 10 -1.94 3.63 -4.57
CA LYS A 10 -0.76 4.41 -4.93
C LYS A 10 -0.06 4.96 -3.69
N CYS A 11 1.16 4.49 -3.45
CA CYS A 11 1.94 4.93 -2.29
C CYS A 11 3.23 5.61 -2.74
N GLY A 12 3.62 6.65 -2.01
CA GLY A 12 4.82 7.38 -2.34
C GLY A 12 4.85 8.78 -1.74
N SER A 13 5.43 9.72 -2.48
CA SER A 13 5.51 11.10 -2.01
C SER A 13 4.18 11.84 -2.25
N GLY A 14 3.34 11.85 -1.22
CA GLY A 14 2.06 12.51 -1.33
C GLY A 14 0.89 11.55 -1.18
N LYS A 15 1.08 10.53 -0.35
CA LYS A 15 0.04 9.54 -0.12
C LYS A 15 0.23 8.83 1.22
N PRO A 16 -0.85 8.32 1.82
CA PRO A 16 -0.79 7.63 3.11
C PRO A 16 -0.09 6.26 2.99
N ALA A 17 0.26 5.69 4.15
CA ALA A 17 0.93 4.40 4.18
C ALA A 17 -0.07 3.27 4.01
N CYS A 18 0.42 2.07 3.69
CA CYS A 18 -0.43 0.91 3.50
C CYS A 18 -0.84 0.32 4.84
N CYS A 19 -2.05 -0.23 4.90
CA CYS A 19 -2.56 -0.83 6.12
C CYS A 19 -1.63 -1.95 6.60
N PRO A 20 -1.83 -2.44 7.84
CA PRO A 20 -0.99 -3.50 8.41
C PRO A 20 -1.08 -4.80 7.61
N LYS A 21 -2.10 -4.91 6.76
CA LYS A 21 -2.30 -6.10 5.95
C LYS A 21 -1.62 -5.96 4.59
N TYR A 22 -1.46 -4.72 4.13
CA TYR A 22 -0.83 -4.47 2.84
C TYR A 22 0.49 -3.72 3.02
N VAL A 23 1.27 -3.65 1.95
CA VAL A 23 2.56 -2.96 1.98
C VAL A 23 2.86 -2.29 0.64
N CYS A 24 3.73 -1.29 0.68
CA CYS A 24 4.10 -0.56 -0.53
C CYS A 24 5.23 -1.27 -1.26
N SER A 25 4.95 -1.70 -2.49
CA SER A 25 5.95 -2.40 -3.30
C SER A 25 7.15 -1.50 -3.59
N PRO A 26 8.36 -2.07 -3.58
CA PRO A 26 9.59 -1.32 -3.84
C PRO A 26 9.71 -0.91 -5.31
N LYS A 27 9.31 -1.80 -6.21
CA LYS A 27 9.38 -1.53 -7.64
C LYS A 27 8.21 -0.66 -8.08
N TRP A 28 7.01 -0.98 -7.60
CA TRP A 28 5.82 -0.22 -7.94
C TRP A 28 5.28 0.53 -6.73
N GLY A 29 4.91 1.79 -6.94
CA GLY A 29 4.39 2.60 -5.85
C GLY A 29 2.93 2.32 -5.58
N LEU A 30 2.64 1.10 -5.16
CA LEU A 30 1.26 0.69 -4.85
C LEU A 30 1.23 -0.21 -3.62
N CYS A 31 0.12 -0.12 -2.88
CA CYS A 31 -0.05 -0.93 -1.67
C CYS A 31 -0.77 -2.23 -2.00
N ASN A 32 -0.16 -3.35 -1.63
CA ASN A 32 -0.74 -4.67 -1.87
C ASN A 32 -0.26 -5.67 -0.83
N PHE A 33 -0.89 -6.84 -0.82
CA PHE A 33 -0.52 -7.89 0.12
C PHE A 33 0.94 -8.31 -0.06
N PRO A 34 1.56 -8.87 1.00
CA PRO A 34 2.96 -9.31 0.94
C PRO A 34 3.14 -10.60 0.15
N MET A 35 2.08 -11.41 0.12
CA MET A 35 2.12 -12.67 -0.61
C MET A 35 0.74 -13.31 -0.67
N PRO A 36 0.54 -14.26 -1.61
CA PRO A 36 -0.75 -14.94 -1.77
C PRO A 36 -1.26 -15.54 -0.47
N GLU A 1 -11.67 6.97 10.03
CA GLU A 1 -10.83 7.11 8.81
C GLU A 1 -10.69 5.77 8.10
N GLY A 2 -10.22 5.82 6.85
CA GLY A 2 -10.04 4.61 6.07
C GLY A 2 -9.07 4.80 4.91
N GLU A 3 -8.14 5.72 5.08
CA GLU A 3 -7.14 6.01 4.04
C GLU A 3 -5.96 5.04 4.15
N CYS A 4 -6.25 3.75 4.01
CA CYS A 4 -5.21 2.73 4.10
C CYS A 4 -4.89 2.18 2.72
N GLY A 5 -4.04 1.16 2.67
CA GLY A 5 -3.65 0.56 1.41
C GLY A 5 -4.22 -0.84 1.22
N GLY A 6 -5.07 -1.00 0.21
CA GLY A 6 -5.68 -2.29 -0.05
C GLY A 6 -4.81 -3.17 -0.93
N PHE A 7 -5.46 -3.92 -1.82
CA PHE A 7 -4.74 -4.80 -2.72
C PHE A 7 -3.92 -4.02 -3.75
N TRP A 8 -4.35 -2.79 -4.03
CA TRP A 8 -3.65 -1.94 -4.99
C TRP A 8 -3.96 -0.47 -4.74
N TRP A 9 -3.33 0.10 -3.71
CA TRP A 9 -3.54 1.50 -3.37
C TRP A 9 -2.26 2.31 -3.58
N LYS A 10 -2.34 3.36 -4.38
CA LYS A 10 -1.19 4.22 -4.67
C LYS A 10 -0.45 4.60 -3.39
N CYS A 11 0.87 4.43 -3.40
CA CYS A 11 1.70 4.76 -2.24
C CYS A 11 3.06 5.27 -2.67
N GLY A 12 3.58 6.25 -1.95
CA GLY A 12 4.88 6.82 -2.28
C GLY A 12 5.03 8.25 -1.82
N SER A 13 5.66 9.08 -2.65
CA SER A 13 5.86 10.48 -2.31
C SER A 13 4.60 11.30 -2.57
N GLY A 14 3.71 11.34 -1.59
CA GLY A 14 2.47 12.09 -1.74
C GLY A 14 1.26 11.19 -1.65
N LYS A 15 1.39 10.10 -0.90
CA LYS A 15 0.29 9.15 -0.73
C LYS A 15 0.28 8.59 0.69
N PRO A 16 -0.81 7.89 1.07
CA PRO A 16 -0.95 7.30 2.38
C PRO A 16 -0.30 5.91 2.47
N ALA A 17 -0.02 5.48 3.69
CA ALA A 17 0.60 4.18 3.91
C ALA A 17 -0.43 3.05 3.82
N CYS A 18 0.05 1.82 3.70
CA CYS A 18 -0.84 0.66 3.60
C CYS A 18 -1.23 0.17 5.00
N CYS A 19 -1.92 -0.96 5.04
CA CYS A 19 -2.36 -1.53 6.31
C CYS A 19 -1.43 -2.66 6.75
N PRO A 20 -1.61 -3.16 7.98
CA PRO A 20 -0.79 -4.26 8.52
C PRO A 20 -0.79 -5.49 7.62
N LYS A 21 -1.81 -5.60 6.77
CA LYS A 21 -1.93 -6.74 5.86
C LYS A 21 -1.21 -6.48 4.55
N TYR A 22 -1.42 -5.29 3.99
CA TYR A 22 -0.78 -4.93 2.71
C TYR A 22 0.51 -4.15 2.96
N VAL A 23 1.21 -3.85 1.89
CA VAL A 23 2.47 -3.11 1.98
C VAL A 23 2.79 -2.40 0.66
N CYS A 24 3.58 -1.33 0.76
CA CYS A 24 3.96 -0.57 -0.42
C CYS A 24 5.11 -1.24 -1.16
N SER A 25 4.85 -1.64 -2.40
CA SER A 25 5.88 -2.30 -3.22
C SER A 25 7.12 -1.43 -3.36
N PRO A 26 8.30 -2.06 -3.38
CA PRO A 26 9.58 -1.35 -3.50
C PRO A 26 9.81 -0.82 -4.92
N LYS A 27 9.39 -1.61 -5.91
CA LYS A 27 9.56 -1.22 -7.31
C LYS A 27 8.40 -0.34 -7.77
N TRP A 28 7.18 -0.74 -7.42
CA TRP A 28 5.99 0.01 -7.80
C TRP A 28 5.48 0.84 -6.63
N GLY A 29 4.60 1.80 -6.92
CA GLY A 29 4.05 2.65 -5.87
C GLY A 29 2.61 2.31 -5.56
N LEU A 30 2.37 1.07 -5.15
CA LEU A 30 1.03 0.62 -4.82
C LEU A 30 1.04 -0.29 -3.59
N CYS A 31 -0.08 -0.33 -2.88
CA CYS A 31 -0.20 -1.17 -1.69
C CYS A 31 -0.85 -2.50 -2.03
N ASN A 32 -0.17 -3.59 -1.71
CA ASN A 32 -0.68 -4.92 -1.98
C ASN A 32 -0.17 -5.92 -0.95
N PHE A 33 -0.69 -7.15 -1.02
CA PHE A 33 -0.28 -8.20 -0.09
C PHE A 33 1.21 -8.51 -0.22
N PRO A 34 1.84 -9.00 0.85
CA PRO A 34 3.27 -9.35 0.84
C PRO A 34 3.56 -10.59 0.02
N MET A 35 2.58 -11.49 -0.04
CA MET A 35 2.73 -12.74 -0.79
C MET A 35 1.42 -13.14 -1.46
N PRO A 36 1.50 -13.93 -2.54
CA PRO A 36 0.31 -14.39 -3.27
C PRO A 36 -0.71 -15.05 -2.36
N GLU A 1 -10.64 3.55 9.93
CA GLU A 1 -10.47 3.09 8.52
C GLU A 1 -9.85 4.19 7.66
N GLY A 2 -10.56 5.30 7.54
CA GLY A 2 -10.06 6.41 6.74
C GLY A 2 -9.82 6.02 5.30
N GLU A 3 -8.56 5.97 4.90
CA GLU A 3 -8.21 5.61 3.53
C GLU A 3 -6.76 5.12 3.46
N CYS A 4 -6.55 3.90 3.95
CA CYS A 4 -5.21 3.31 3.94
C CYS A 4 -4.93 2.60 2.62
N GLY A 5 -3.84 1.85 2.58
CA GLY A 5 -3.49 1.12 1.37
C GLY A 5 -4.10 -0.26 1.32
N GLY A 6 -4.95 -0.49 0.31
CA GLY A 6 -5.59 -1.78 0.18
C GLY A 6 -4.79 -2.75 -0.68
N PHE A 7 -5.48 -3.44 -1.59
CA PHE A 7 -4.83 -4.40 -2.46
C PHE A 7 -3.99 -3.69 -3.53
N TRP A 8 -4.37 -2.47 -3.86
CA TRP A 8 -3.64 -1.70 -4.87
C TRP A 8 -3.87 -0.20 -4.67
N TRP A 9 -3.15 0.38 -3.71
CA TRP A 9 -3.28 1.80 -3.41
C TRP A 9 -1.96 2.53 -3.70
N LYS A 10 -2.00 3.48 -4.63
CA LYS A 10 -0.81 4.25 -4.98
C LYS A 10 -0.15 4.86 -3.75
N CYS A 11 1.08 4.43 -3.47
CA CYS A 11 1.83 4.94 -2.32
C CYS A 11 3.13 5.58 -2.76
N GLY A 12 3.51 6.66 -2.09
CA GLY A 12 4.75 7.35 -2.43
C GLY A 12 4.83 8.73 -1.80
N SER A 13 5.43 9.67 -2.53
CA SER A 13 5.57 11.03 -2.04
C SER A 13 4.28 11.82 -2.23
N GLY A 14 3.48 11.89 -1.17
CA GLY A 14 2.21 12.61 -1.25
C GLY A 14 1.02 11.70 -1.06
N LYS A 15 1.19 10.66 -0.26
CA LYS A 15 0.12 9.71 0.00
C LYS A 15 0.28 9.07 1.38
N PRO A 16 -0.74 8.34 1.85
CA PRO A 16 -0.72 7.68 3.14
C PRO A 16 -0.05 6.31 3.08
N ALA A 17 0.24 5.74 4.25
CA ALA A 17 0.88 4.43 4.33
C ALA A 17 -0.14 3.31 4.13
N CYS A 18 0.35 2.14 3.76
CA CYS A 18 -0.52 0.98 3.54
C CYS A 18 -0.96 0.37 4.87
N CYS A 19 -2.17 -0.17 4.89
CA CYS A 19 -2.70 -0.79 6.10
C CYS A 19 -1.78 -1.91 6.58
N PRO A 20 -2.00 -2.41 7.80
CA PRO A 20 -1.18 -3.49 8.38
C PRO A 20 -1.27 -4.78 7.57
N LYS A 21 -2.27 -4.87 6.71
CA LYS A 21 -2.46 -6.06 5.88
C LYS A 21 -1.73 -5.93 4.55
N TYR A 22 -1.52 -4.69 4.10
CA TYR A 22 -0.84 -4.44 2.84
C TYR A 22 0.45 -3.65 3.07
N VAL A 23 1.20 -3.43 1.99
CA VAL A 23 2.45 -2.69 2.07
C VAL A 23 2.82 -2.10 0.71
N CYS A 24 3.68 -1.09 0.74
CA CYS A 24 4.12 -0.42 -0.50
C CYS A 24 5.19 -1.24 -1.20
N SER A 25 4.86 -1.75 -2.38
CA SER A 25 5.81 -2.55 -3.16
C SER A 25 7.05 -1.73 -3.52
N PRO A 26 8.23 -2.37 -3.50
CA PRO A 26 9.49 -1.70 -3.82
C PRO A 26 9.60 -1.37 -5.30
N LYS A 27 9.10 -2.27 -6.15
CA LYS A 27 9.14 -2.09 -7.59
C LYS A 27 8.02 -1.15 -8.05
N TRP A 28 6.80 -1.45 -7.63
CA TRP A 28 5.66 -0.64 -7.99
C TRP A 28 5.16 0.19 -6.80
N GLY A 29 4.84 1.45 -7.05
CA GLY A 29 4.37 2.32 -5.99
C GLY A 29 2.90 2.11 -5.67
N LEU A 30 2.57 0.91 -5.17
CA LEU A 30 1.20 0.58 -4.83
C LEU A 30 1.14 -0.26 -3.56
N CYS A 31 0.04 -0.15 -2.82
CA CYS A 31 -0.13 -0.91 -1.60
C CYS A 31 -0.86 -2.23 -1.86
N ASN A 32 -0.20 -3.33 -1.51
CA ASN A 32 -0.78 -4.66 -1.71
C ASN A 32 -0.31 -5.62 -0.62
N PHE A 33 -0.88 -6.83 -0.63
CA PHE A 33 -0.51 -7.84 0.36
C PHE A 33 0.97 -8.17 0.28
N PRO A 34 1.54 -8.73 1.37
CA PRO A 34 2.96 -9.09 1.41
C PRO A 34 3.28 -10.30 0.53
N MET A 35 2.41 -11.31 0.59
CA MET A 35 2.61 -12.52 -0.20
C MET A 35 1.53 -12.65 -1.28
N PRO A 36 1.87 -13.26 -2.42
CA PRO A 36 0.92 -13.45 -3.52
C PRO A 36 -0.38 -14.09 -3.07
N GLU A 1 -13.19 8.17 5.29
CA GLU A 1 -13.43 7.29 6.46
C GLU A 1 -12.29 6.28 6.63
N GLY A 2 -11.70 5.86 5.52
CA GLY A 2 -10.62 4.90 5.56
C GLY A 2 -9.66 5.05 4.40
N GLU A 3 -8.37 5.14 4.70
CA GLU A 3 -7.36 5.30 3.66
C GLU A 3 -6.12 4.47 3.99
N CYS A 4 -6.25 3.14 3.89
CA CYS A 4 -5.14 2.24 4.18
C CYS A 4 -4.67 1.56 2.91
N GLY A 5 -3.54 0.87 2.99
CA GLY A 5 -3.00 0.18 1.84
C GLY A 5 -3.57 -1.22 1.68
N GLY A 6 -4.49 -1.37 0.73
CA GLY A 6 -5.10 -2.66 0.49
C GLY A 6 -4.38 -3.47 -0.57
N PHE A 7 -5.15 -4.07 -1.47
CA PHE A 7 -4.58 -4.88 -2.54
C PHE A 7 -3.81 -4.02 -3.54
N TRP A 8 -4.23 -2.77 -3.69
CA TRP A 8 -3.58 -1.84 -4.61
C TRP A 8 -3.89 -0.39 -4.25
N TRP A 9 -3.17 0.15 -3.28
CA TRP A 9 -3.37 1.52 -2.84
C TRP A 9 -2.14 2.37 -3.11
N LYS A 10 -2.32 3.46 -3.86
CA LYS A 10 -1.21 4.36 -4.19
C LYS A 10 -0.44 4.77 -2.94
N CYS A 11 0.87 4.48 -2.94
CA CYS A 11 1.72 4.82 -1.81
C CYS A 11 2.97 5.55 -2.27
N GLY A 12 3.42 6.51 -1.48
CA GLY A 12 4.61 7.27 -1.83
C GLY A 12 4.70 8.59 -1.08
N SER A 13 5.32 9.59 -1.70
CA SER A 13 5.46 10.90 -1.09
C SER A 13 4.17 11.71 -1.24
N GLY A 14 3.24 11.49 -0.32
CA GLY A 14 1.97 12.19 -0.35
C GLY A 14 0.82 11.34 0.11
N LYS A 15 0.98 10.02 0.02
CA LYS A 15 -0.05 9.09 0.43
C LYS A 15 0.30 8.43 1.76
N PRO A 16 -0.71 7.92 2.49
CA PRO A 16 -0.50 7.26 3.79
C PRO A 16 0.21 5.93 3.65
N ALA A 17 0.50 5.30 4.77
CA ALA A 17 1.18 4.01 4.78
C ALA A 17 0.18 2.87 4.59
N CYS A 18 0.68 1.71 4.15
CA CYS A 18 -0.18 0.55 3.92
C CYS A 18 -0.44 -0.19 5.23
N CYS A 19 -1.58 -0.86 5.30
CA CYS A 19 -1.96 -1.60 6.49
C CYS A 19 -0.90 -2.66 6.82
N PRO A 20 -0.92 -3.19 8.05
CA PRO A 20 0.04 -4.22 8.49
C PRO A 20 -0.04 -5.50 7.67
N LYS A 21 -1.15 -5.65 6.92
CA LYS A 21 -1.35 -6.83 6.11
C LYS A 21 -0.79 -6.63 4.69
N TYR A 22 -0.72 -5.38 4.25
CA TYR A 22 -0.21 -5.08 2.92
C TYR A 22 1.07 -4.26 2.99
N VAL A 23 1.80 -4.20 1.88
CA VAL A 23 3.04 -3.45 1.82
C VAL A 23 3.14 -2.65 0.52
N CYS A 24 3.95 -1.60 0.53
CA CYS A 24 4.13 -0.76 -0.65
C CYS A 24 5.21 -1.34 -1.57
N SER A 25 4.84 -1.58 -2.82
CA SER A 25 5.76 -2.13 -3.80
C SER A 25 6.95 -1.19 -4.02
N PRO A 26 8.16 -1.75 -4.18
CA PRO A 26 9.37 -0.95 -4.40
C PRO A 26 9.38 -0.27 -5.77
N LYS A 27 9.05 -1.02 -6.80
CA LYS A 27 9.02 -0.49 -8.16
C LYS A 27 7.72 0.29 -8.40
N TRP A 28 6.61 -0.28 -7.96
CA TRP A 28 5.31 0.35 -8.14
C TRP A 28 4.83 0.98 -6.82
N GLY A 29 4.38 2.23 -6.90
CA GLY A 29 3.90 2.92 -5.72
C GLY A 29 2.49 2.52 -5.34
N LEU A 30 2.31 1.24 -5.02
CA LEU A 30 0.98 0.74 -4.65
C LEU A 30 1.09 -0.27 -3.51
N CYS A 31 0.09 -0.31 -2.65
CA CYS A 31 0.06 -1.23 -1.53
C CYS A 31 -0.61 -2.54 -1.91
N ASN A 32 0.08 -3.64 -1.65
CA ASN A 32 -0.44 -4.97 -1.97
C ASN A 32 0.18 -6.03 -1.06
N PHE A 33 -0.39 -7.23 -1.08
CA PHE A 33 0.12 -8.33 -0.26
C PHE A 33 1.55 -8.67 -0.64
N PRO A 34 2.27 -9.35 0.26
CA PRO A 34 3.66 -9.75 0.03
C PRO A 34 3.79 -10.71 -1.16
N MET A 35 3.23 -11.91 -1.01
CA MET A 35 3.28 -12.91 -2.06
C MET A 35 2.56 -14.19 -1.63
N PRO A 36 1.21 -14.14 -1.53
CA PRO A 36 0.41 -15.29 -1.12
C PRO A 36 0.35 -16.36 -2.21
N GLU A 1 -14.01 7.77 4.17
CA GLU A 1 -13.37 7.79 5.51
C GLU A 1 -12.40 6.63 5.68
N GLY A 2 -11.26 6.90 6.32
CA GLY A 2 -10.28 5.88 6.53
C GLY A 2 -9.76 5.28 5.23
N GLU A 3 -8.51 5.60 4.90
CA GLU A 3 -7.90 5.10 3.67
C GLU A 3 -6.57 4.40 3.97
N CYS A 4 -6.62 3.07 4.07
CA CYS A 4 -5.43 2.28 4.34
C CYS A 4 -5.01 1.50 3.10
N GLY A 5 -3.76 1.05 3.09
CA GLY A 5 -3.25 0.30 1.97
C GLY A 5 -3.85 -1.08 1.87
N GLY A 6 -4.68 -1.31 0.86
CA GLY A 6 -5.31 -2.60 0.68
C GLY A 6 -4.59 -3.46 -0.35
N PHE A 7 -5.36 -4.08 -1.24
CA PHE A 7 -4.80 -4.94 -2.27
C PHE A 7 -4.05 -4.12 -3.32
N TRP A 8 -4.47 -2.87 -3.50
CA TRP A 8 -3.84 -1.99 -4.47
C TRP A 8 -4.16 -0.52 -4.17
N TRP A 9 -3.38 0.07 -3.26
CA TRP A 9 -3.58 1.46 -2.87
C TRP A 9 -2.32 2.28 -3.14
N LYS A 10 -2.42 3.25 -4.05
CA LYS A 10 -1.30 4.10 -4.40
C LYS A 10 -0.60 4.65 -3.16
N CYS A 11 0.72 4.48 -3.11
CA CYS A 11 1.52 4.95 -1.98
C CYS A 11 2.78 5.65 -2.47
N GLY A 12 3.16 6.72 -1.76
CA GLY A 12 4.34 7.47 -2.13
C GLY A 12 4.49 8.75 -1.34
N SER A 13 5.01 9.79 -1.99
CA SER A 13 5.20 11.09 -1.34
C SER A 13 3.90 11.87 -1.31
N GLY A 14 3.23 11.84 -0.16
CA GLY A 14 1.97 12.55 -0.01
C GLY A 14 0.80 11.60 0.19
N LYS A 15 1.06 10.45 0.77
CA LYS A 15 0.03 9.46 1.02
C LYS A 15 0.26 8.76 2.36
N PRO A 16 -0.72 7.95 2.80
CA PRO A 16 -0.63 7.22 4.06
C PRO A 16 0.10 5.90 3.91
N ALA A 17 0.33 5.22 5.03
CA ALA A 17 1.02 3.95 5.02
C ALA A 17 0.05 2.79 4.82
N CYS A 18 0.55 1.67 4.28
CA CYS A 18 -0.28 0.50 4.04
C CYS A 18 -0.53 -0.26 5.33
N CYS A 19 -1.68 -0.93 5.41
CA CYS A 19 -2.03 -1.70 6.59
C CYS A 19 -0.97 -2.76 6.87
N PRO A 20 -0.95 -3.31 8.11
CA PRO A 20 0.02 -4.34 8.50
C PRO A 20 -0.06 -5.58 7.60
N LYS A 21 -1.17 -5.73 6.90
CA LYS A 21 -1.35 -6.87 6.01
C LYS A 21 -0.74 -6.61 4.64
N TYR A 22 -0.72 -5.35 4.23
CA TYR A 22 -0.16 -4.98 2.93
C TYR A 22 1.06 -4.08 3.10
N VAL A 23 1.70 -3.75 1.98
CA VAL A 23 2.88 -2.90 1.99
C VAL A 23 3.09 -2.22 0.65
N CYS A 24 3.88 -1.16 0.64
CA CYS A 24 4.16 -0.42 -0.59
C CYS A 24 5.24 -1.11 -1.40
N SER A 25 4.83 -1.69 -2.53
CA SER A 25 5.76 -2.39 -3.42
C SER A 25 6.88 -1.47 -3.87
N PRO A 26 8.10 -2.02 -4.00
CA PRO A 26 9.27 -1.25 -4.43
C PRO A 26 9.22 -0.91 -5.91
N LYS A 27 8.73 -1.85 -6.71
CA LYS A 27 8.64 -1.65 -8.15
C LYS A 27 7.41 -0.81 -8.50
N TRP A 28 6.34 -0.99 -7.74
CA TRP A 28 5.11 -0.24 -7.97
C TRP A 28 4.68 0.50 -6.70
N GLY A 29 4.31 1.76 -6.87
CA GLY A 29 3.88 2.56 -5.74
C GLY A 29 2.45 2.28 -5.33
N LEU A 30 2.19 1.05 -4.91
CA LEU A 30 0.86 0.64 -4.48
C LEU A 30 0.93 -0.32 -3.30
N CYS A 31 -0.12 -0.31 -2.48
CA CYS A 31 -0.18 -1.17 -1.31
C CYS A 31 -0.83 -2.50 -1.66
N ASN A 32 -0.12 -3.59 -1.41
CA ASN A 32 -0.64 -4.93 -1.69
C ASN A 32 0.00 -5.96 -0.78
N PHE A 33 -0.40 -7.23 -0.94
CA PHE A 33 0.13 -8.31 -0.13
C PHE A 33 1.64 -8.42 -0.29
N PRO A 34 2.34 -8.96 0.73
CA PRO A 34 3.80 -9.12 0.70
C PRO A 34 4.24 -10.17 -0.32
N MET A 35 3.38 -11.14 -0.58
CA MET A 35 3.68 -12.20 -1.53
C MET A 35 2.41 -12.86 -2.05
N PRO A 36 1.81 -12.30 -3.11
CA PRO A 36 0.58 -12.85 -3.70
C PRO A 36 0.69 -14.34 -4.00
N GLU A 1 -12.60 8.88 5.60
CA GLU A 1 -12.92 8.00 6.76
C GLU A 1 -11.90 6.87 6.88
N GLY A 2 -11.37 6.43 5.75
CA GLY A 2 -10.39 5.36 5.76
C GLY A 2 -9.44 5.44 4.58
N GLU A 3 -8.14 5.50 4.87
CA GLU A 3 -7.13 5.57 3.81
C GLU A 3 -5.95 4.66 4.13
N CYS A 4 -6.15 3.36 3.93
CA CYS A 4 -5.11 2.37 4.19
C CYS A 4 -4.68 1.70 2.89
N GLY A 5 -3.58 0.94 2.96
CA GLY A 5 -3.09 0.26 1.78
C GLY A 5 -3.71 -1.12 1.60
N GLY A 6 -4.68 -1.21 0.72
CA GLY A 6 -5.34 -2.48 0.46
C GLY A 6 -4.62 -3.32 -0.57
N PHE A 7 -5.38 -3.85 -1.53
CA PHE A 7 -4.81 -4.68 -2.58
C PHE A 7 -4.04 -3.83 -3.59
N TRP A 8 -4.46 -2.58 -3.74
CA TRP A 8 -3.81 -1.68 -4.69
C TRP A 8 -4.07 -0.22 -4.31
N TRP A 9 -3.34 0.28 -3.33
CA TRP A 9 -3.50 1.66 -2.87
C TRP A 9 -2.22 2.46 -3.13
N LYS A 10 -2.35 3.53 -3.91
CA LYS A 10 -1.22 4.38 -4.23
C LYS A 10 -0.47 4.83 -2.97
N CYS A 11 0.81 4.49 -2.90
CA CYS A 11 1.64 4.85 -1.74
C CYS A 11 2.96 5.46 -2.19
N GLY A 12 3.45 6.43 -1.42
CA GLY A 12 4.71 7.07 -1.76
C GLY A 12 5.00 8.27 -0.87
N SER A 13 5.71 9.25 -1.42
CA SER A 13 6.05 10.46 -0.68
C SER A 13 4.88 11.42 -0.64
N GLY A 14 3.99 11.23 0.32
CA GLY A 14 2.83 12.10 0.45
C GLY A 14 1.58 11.34 0.87
N LYS A 15 1.56 10.04 0.60
CA LYS A 15 0.42 9.20 0.96
C LYS A 15 0.71 8.43 2.25
N PRO A 16 -0.35 7.92 2.91
CA PRO A 16 -0.21 7.16 4.16
C PRO A 16 0.43 5.80 3.93
N ALA A 17 0.68 5.07 5.02
CA ALA A 17 1.29 3.75 4.93
C ALA A 17 0.25 2.68 4.70
N CYS A 18 0.67 1.54 4.16
CA CYS A 18 -0.24 0.44 3.88
C CYS A 18 -0.57 -0.33 5.16
N CYS A 19 -1.74 -0.95 5.18
CA CYS A 19 -2.17 -1.73 6.34
C CYS A 19 -1.16 -2.83 6.66
N PRO A 20 -1.23 -3.41 7.87
CA PRO A 20 -0.33 -4.48 8.29
C PRO A 20 -0.45 -5.72 7.41
N LYS A 21 -1.54 -5.81 6.65
CA LYS A 21 -1.77 -6.94 5.77
C LYS A 21 -1.12 -6.73 4.40
N TYR A 22 -0.97 -5.47 4.02
CA TYR A 22 -0.38 -5.13 2.72
C TYR A 22 0.88 -4.29 2.90
N VAL A 23 1.58 -4.04 1.79
CA VAL A 23 2.80 -3.25 1.82
C VAL A 23 2.99 -2.49 0.52
N CYS A 24 3.81 -1.46 0.55
CA CYS A 24 4.08 -0.64 -0.63
C CYS A 24 5.11 -1.32 -1.54
N SER A 25 4.69 -1.64 -2.77
CA SER A 25 5.57 -2.30 -3.72
C SER A 25 6.79 -1.43 -4.01
N PRO A 26 7.97 -2.08 -4.20
CA PRO A 26 9.21 -1.37 -4.47
C PRO A 26 9.22 -0.73 -5.87
N LYS A 27 8.77 -1.49 -6.86
CA LYS A 27 8.72 -1.00 -8.23
C LYS A 27 7.50 -0.12 -8.45
N TRP A 28 6.34 -0.61 -8.05
CA TRP A 28 5.09 0.14 -8.20
C TRP A 28 4.70 0.81 -6.89
N GLY A 29 4.34 2.09 -6.97
CA GLY A 29 3.94 2.83 -5.79
C GLY A 29 2.52 2.53 -5.37
N LEU A 30 2.24 1.26 -5.05
CA LEU A 30 0.91 0.86 -4.64
C LEU A 30 0.99 -0.17 -3.51
N CYS A 31 -0.06 -0.24 -2.70
CA CYS A 31 -0.11 -1.18 -1.59
C CYS A 31 -0.81 -2.47 -1.99
N ASN A 32 -0.14 -3.59 -1.78
CA ASN A 32 -0.69 -4.89 -2.13
C ASN A 32 -0.13 -5.99 -1.22
N PHE A 33 -0.50 -7.23 -1.49
CA PHE A 33 -0.04 -8.36 -0.70
C PHE A 33 1.46 -8.55 -0.85
N PRO A 34 2.12 -9.12 0.17
CA PRO A 34 3.57 -9.35 0.14
C PRO A 34 3.96 -10.52 -0.78
N MET A 35 3.00 -11.40 -1.03
CA MET A 35 3.23 -12.55 -1.91
C MET A 35 4.29 -13.48 -1.29
N PRO A 36 3.89 -14.31 -0.31
CA PRO A 36 4.80 -15.25 0.35
C PRO A 36 5.55 -16.13 -0.64
N GLU A 1 -13.26 8.80 2.11
CA GLU A 1 -11.98 9.57 2.19
C GLU A 1 -11.10 9.06 3.32
N GLY A 2 -9.78 9.06 3.08
CA GLY A 2 -8.85 8.59 4.09
C GLY A 2 -9.09 7.14 4.46
N GLU A 3 -8.65 6.23 3.61
CA GLU A 3 -8.82 4.80 3.86
C GLU A 3 -7.47 4.11 4.05
N CYS A 4 -7.49 2.78 4.09
CA CYS A 4 -6.27 2.00 4.27
C CYS A 4 -5.82 1.39 2.94
N GLY A 5 -4.56 1.00 2.88
CA GLY A 5 -4.03 0.40 1.67
C GLY A 5 -4.58 -1.00 1.43
N GLY A 6 -5.18 -1.21 0.26
CA GLY A 6 -5.74 -2.51 -0.06
C GLY A 6 -4.84 -3.33 -0.97
N PHE A 7 -5.44 -3.96 -1.97
CA PHE A 7 -4.70 -4.79 -2.91
C PHE A 7 -3.78 -3.94 -3.79
N TRP A 8 -4.16 -2.68 -4.00
CA TRP A 8 -3.37 -1.78 -4.81
C TRP A 8 -3.70 -0.32 -4.49
N TRP A 9 -3.11 0.19 -3.41
CA TRP A 9 -3.33 1.57 -3.00
C TRP A 9 -2.10 2.42 -3.28
N LYS A 10 -2.27 3.44 -4.10
CA LYS A 10 -1.18 4.35 -4.45
C LYS A 10 -0.48 4.89 -3.21
N CYS A 11 0.73 4.38 -2.96
CA CYS A 11 1.50 4.80 -1.79
C CYS A 11 2.77 5.53 -2.23
N GLY A 12 3.14 6.56 -1.49
CA GLY A 12 4.35 7.32 -1.82
C GLY A 12 4.62 8.43 -0.83
N SER A 13 5.37 9.44 -1.26
CA SER A 13 5.70 10.56 -0.41
C SER A 13 4.54 11.55 -0.32
N GLY A 14 3.58 11.26 0.54
CA GLY A 14 2.42 12.13 0.69
C GLY A 14 1.13 11.36 0.88
N LYS A 15 1.14 10.09 0.47
CA LYS A 15 -0.04 9.24 0.60
C LYS A 15 0.02 8.42 1.89
N PRO A 16 -1.13 7.93 2.37
CA PRO A 16 -1.21 7.13 3.59
C PRO A 16 -0.48 5.79 3.46
N ALA A 17 -0.39 5.07 4.56
CA ALA A 17 0.29 3.77 4.57
C ALA A 17 -0.70 2.64 4.34
N CYS A 18 -0.20 1.43 4.19
CA CYS A 18 -1.04 0.26 3.96
C CYS A 18 -1.44 -0.39 5.28
N CYS A 19 -2.27 -1.42 5.19
CA CYS A 19 -2.72 -2.14 6.37
C CYS A 19 -1.68 -3.15 6.83
N PRO A 20 -1.84 -3.71 8.05
CA PRO A 20 -0.91 -4.70 8.58
C PRO A 20 -0.69 -5.86 7.62
N LYS A 21 -1.65 -6.08 6.73
CA LYS A 21 -1.58 -7.16 5.75
C LYS A 21 -0.93 -6.67 4.45
N TYR A 22 -1.46 -5.56 3.93
CA TYR A 22 -0.95 -4.99 2.69
C TYR A 22 0.33 -4.19 2.95
N VAL A 23 1.17 -4.09 1.92
CA VAL A 23 2.41 -3.35 2.04
C VAL A 23 2.72 -2.57 0.76
N CYS A 24 3.53 -1.52 0.90
CA CYS A 24 3.91 -0.70 -0.24
C CYS A 24 5.12 -1.28 -0.95
N SER A 25 4.97 -1.54 -2.25
CA SER A 25 6.06 -2.10 -3.05
C SER A 25 7.30 -1.23 -2.99
N PRO A 26 8.50 -1.84 -2.98
CA PRO A 26 9.76 -1.12 -2.91
C PRO A 26 10.12 -0.47 -4.24
N LYS A 27 9.68 -1.08 -5.34
CA LYS A 27 9.95 -0.56 -6.67
C LYS A 27 8.77 0.27 -7.17
N TRP A 28 7.57 -0.13 -6.78
CA TRP A 28 6.35 0.56 -7.19
C TRP A 28 5.71 1.30 -6.02
N GLY A 29 4.74 2.15 -6.31
CA GLY A 29 4.06 2.89 -5.26
C GLY A 29 2.62 2.45 -5.08
N LEU A 30 2.43 1.18 -4.77
CA LEU A 30 1.08 0.65 -4.57
C LEU A 30 1.06 -0.35 -3.41
N CYS A 31 0.00 -0.28 -2.60
CA CYS A 31 -0.14 -1.17 -1.45
C CYS A 31 -0.77 -2.49 -1.88
N ASN A 32 -0.03 -3.58 -1.70
CA ASN A 32 -0.52 -4.91 -2.07
C ASN A 32 -0.04 -5.96 -1.07
N PHE A 33 -0.64 -7.13 -1.11
CA PHE A 33 -0.28 -8.22 -0.20
C PHE A 33 1.19 -8.58 -0.36
N PRO A 34 1.78 -9.23 0.65
CA PRO A 34 3.18 -9.65 0.62
C PRO A 34 3.43 -10.79 -0.37
N MET A 35 2.45 -11.66 -0.50
CA MET A 35 2.55 -12.81 -1.41
C MET A 35 1.27 -13.64 -1.39
N PRO A 36 0.92 -14.27 -2.52
CA PRO A 36 -0.28 -15.09 -2.63
C PRO A 36 -0.32 -16.18 -1.56
N GLU A 1 -13.84 6.74 2.79
CA GLU A 1 -13.95 6.45 4.25
C GLU A 1 -12.59 6.19 4.89
N GLY A 2 -11.79 5.36 4.25
CA GLY A 2 -10.47 5.05 4.77
C GLY A 2 -9.37 5.28 3.76
N GLU A 3 -8.30 5.95 4.19
CA GLU A 3 -7.17 6.24 3.32
C GLU A 3 -6.04 5.24 3.54
N CYS A 4 -6.40 4.02 3.92
CA CYS A 4 -5.41 2.97 4.18
C CYS A 4 -5.03 2.26 2.88
N GLY A 5 -3.97 1.46 2.94
CA GLY A 5 -3.53 0.73 1.77
C GLY A 5 -4.33 -0.54 1.53
N GLY A 6 -5.04 -0.59 0.42
CA GLY A 6 -5.85 -1.76 0.11
C GLY A 6 -5.16 -2.68 -0.88
N PHE A 7 -5.91 -3.14 -1.87
CA PHE A 7 -5.37 -4.04 -2.89
C PHE A 7 -4.38 -3.32 -3.80
N TRP A 8 -4.58 -2.02 -3.97
CA TRP A 8 -3.71 -1.22 -4.83
C TRP A 8 -3.78 0.26 -4.46
N TRP A 9 -3.07 0.64 -3.41
CA TRP A 9 -3.06 2.03 -2.96
C TRP A 9 -1.65 2.62 -3.07
N LYS A 10 -1.52 3.67 -3.87
CA LYS A 10 -0.24 4.33 -4.07
C LYS A 10 0.44 4.66 -2.74
N CYS A 11 1.65 4.13 -2.54
CA CYS A 11 2.40 4.37 -1.32
C CYS A 11 3.83 4.78 -1.63
N GLY A 12 4.36 5.71 -0.83
CA GLY A 12 5.72 6.17 -1.04
C GLY A 12 5.93 7.59 -0.52
N SER A 13 6.65 8.39 -1.29
CA SER A 13 6.92 9.77 -0.89
C SER A 13 5.73 10.67 -1.19
N GLY A 14 4.82 10.77 -0.22
CA GLY A 14 3.64 11.60 -0.40
C GLY A 14 2.35 10.80 -0.34
N LYS A 15 2.37 9.71 0.43
CA LYS A 15 1.21 8.85 0.57
C LYS A 15 1.18 8.19 1.94
N PRO A 16 0.04 7.59 2.31
CA PRO A 16 -0.12 6.91 3.59
C PRO A 16 0.37 5.47 3.55
N ALA A 17 0.57 4.89 4.74
CA ALA A 17 1.04 3.52 4.83
C ALA A 17 -0.10 2.53 4.62
N CYS A 18 0.25 1.28 4.34
CA CYS A 18 -0.75 0.24 4.11
C CYS A 18 -1.17 -0.40 5.43
N CYS A 19 -2.42 -0.87 5.49
CA CYS A 19 -2.95 -1.49 6.69
C CYS A 19 -2.13 -2.73 7.07
N PRO A 20 -2.37 -3.27 8.27
CA PRO A 20 -1.66 -4.45 8.75
C PRO A 20 -1.80 -5.65 7.82
N LYS A 21 -2.86 -5.65 7.01
CA LYS A 21 -3.11 -6.73 6.07
C LYS A 21 -2.34 -6.53 4.77
N TYR A 22 -2.28 -5.29 4.29
CA TYR A 22 -1.58 -4.98 3.06
C TYR A 22 -0.20 -4.38 3.35
N VAL A 23 0.58 -4.17 2.29
CA VAL A 23 1.91 -3.61 2.42
C VAL A 23 2.37 -2.96 1.12
N CYS A 24 3.35 -2.07 1.21
CA CYS A 24 3.87 -1.39 0.04
C CYS A 24 4.85 -2.27 -0.72
N SER A 25 4.52 -2.57 -1.97
CA SER A 25 5.37 -3.42 -2.80
C SER A 25 6.77 -2.83 -2.93
N PRO A 26 7.80 -3.69 -2.95
CA PRO A 26 9.20 -3.25 -3.06
C PRO A 26 9.52 -2.74 -4.47
N LYS A 27 8.89 -3.34 -5.47
CA LYS A 27 9.11 -2.95 -6.86
C LYS A 27 8.16 -1.84 -7.27
N TRP A 28 6.89 -1.97 -6.86
CA TRP A 28 5.88 -0.97 -7.19
C TRP A 28 5.47 -0.19 -5.94
N GLY A 29 5.16 1.09 -6.13
CA GLY A 29 4.76 1.93 -5.01
C GLY A 29 3.26 1.87 -4.76
N LEU A 30 2.75 0.68 -4.47
CA LEU A 30 1.32 0.51 -4.21
C LEU A 30 1.10 -0.52 -3.10
N CYS A 31 -0.02 -0.38 -2.40
CA CYS A 31 -0.37 -1.29 -1.32
C CYS A 31 -1.20 -2.46 -1.83
N ASN A 32 -0.70 -3.68 -1.61
CA ASN A 32 -1.40 -4.88 -2.06
C ASN A 32 -1.11 -6.05 -1.13
N PHE A 33 -1.65 -7.22 -1.47
CA PHE A 33 -1.44 -8.42 -0.67
C PHE A 33 0.05 -8.77 -0.59
N PRO A 34 0.45 -9.52 0.45
CA PRO A 34 1.84 -9.92 0.64
C PRO A 34 2.43 -10.57 -0.60
N MET A 35 3.44 -9.92 -1.18
CA MET A 35 4.09 -10.44 -2.38
C MET A 35 5.53 -9.93 -2.48
N PRO A 36 6.48 -10.66 -1.87
CA PRO A 36 7.90 -10.29 -1.89
C PRO A 36 8.41 -10.06 -3.31
#